data_3FMF
#
_entry.id   3FMF
#
_cell.length_a   55.306
_cell.length_b   103.753
_cell.length_c   151.462
_cell.angle_alpha   90.00
_cell.angle_beta   90.00
_cell.angle_gamma   90.00
#
_symmetry.space_group_name_H-M   'P 21 21 21'
#
loop_
_entity.id
_entity.type
_entity.pdbx_description
1 polymer 'Dethiobiotin synthetase'
2 non-polymer '7-(CARBOXYAMINO)-8-AMINO-NONANOIC ACID'
3 water water
#
_entity_poly.entity_id   1
_entity_poly.type   'polypeptide(L)'
_entity_poly.pdbx_seq_one_letter_code
;MGSSHHHHHHSSGLQGTENLYFQSHMTILVVTGTGTGVGKTVVCAALASAARQAGIDVAVCKPVQTGTARGDDDLAEVGR
LAGVTQLAGLARYPQPMAPAAAAEHAGMALPARDQIVRLIADLDRPGRLTLVEGAGGLLVELAEPGVTLRDVAVDVAAAA
LVVVTADLGTLNHTKLTLEALAAQQVS(CSX)AGLVIGSWPDPPGLVAASNRSALARIAMVRAALPAGAASLDAGDFAAM
SAAAFDRNWVAGLVG
;
_entity_poly.pdbx_strand_id   A,B,C,D
#
# COMPACT_ATOMS: atom_id res chain seq x y z
N PHE A 22 19.63 -16.66 1.44
CA PHE A 22 19.62 -15.95 2.75
C PHE A 22 19.88 -14.48 2.48
N GLN A 23 19.50 -13.61 3.42
CA GLN A 23 19.70 -12.20 3.13
C GLN A 23 21.09 -11.75 3.53
N SER A 24 21.78 -11.15 2.55
CA SER A 24 23.20 -10.80 2.65
C SER A 24 23.42 -9.42 3.23
N HIS A 25 22.32 -8.71 3.46
CA HIS A 25 22.36 -7.36 3.95
C HIS A 25 21.39 -7.17 5.12
N MET A 26 21.47 -6.01 5.77
CA MET A 26 20.57 -5.67 6.88
C MET A 26 19.21 -5.23 6.37
N THR A 27 18.19 -5.46 7.19
CA THR A 27 16.89 -4.85 6.99
C THR A 27 16.94 -3.51 7.72
N ILE A 28 16.56 -2.45 7.02
CA ILE A 28 16.46 -1.14 7.65
C ILE A 28 15.00 -0.71 7.83
N LEU A 29 14.61 -0.40 9.07
CA LEU A 29 13.38 0.34 9.33
C LEU A 29 13.67 1.72 9.90
N VAL A 30 13.15 2.76 9.26
CA VAL A 30 13.06 4.04 9.95
C VAL A 30 11.84 3.99 10.84
N VAL A 31 12.01 4.41 12.09
CA VAL A 31 10.91 4.42 13.03
C VAL A 31 10.52 5.88 13.24
N THR A 32 9.42 6.27 12.62
CA THR A 32 8.94 7.63 12.67
C THR A 32 7.70 7.66 13.56
N GLY A 33 7.10 8.83 13.70
CA GLY A 33 5.93 9.01 14.54
C GLY A 33 5.01 10.03 13.91
N THR A 34 3.74 10.00 14.30
CA THR A 34 2.79 11.01 13.80
C THR A 34 3.06 12.38 14.44
N GLY A 35 3.92 12.41 15.45
CA GLY A 35 4.32 13.66 16.09
C GLY A 35 5.39 13.47 17.14
N THR A 36 5.43 14.38 18.11
CA THR A 36 6.33 14.29 19.24
C THR A 36 5.64 13.59 20.41
N GLY A 37 6.43 12.91 21.24
CA GLY A 37 5.88 12.26 22.42
C GLY A 37 4.86 11.18 22.13
N VAL A 38 5.00 10.49 21.01
CA VAL A 38 4.11 9.36 20.70
C VAL A 38 4.69 8.01 21.15
N GLY A 39 5.96 7.99 21.54
CA GLY A 39 6.58 6.78 22.07
C GLY A 39 7.59 6.08 21.15
N LYS A 40 8.21 6.82 20.23
CA LYS A 40 9.17 6.20 19.28
C LYS A 40 10.31 5.45 19.96
N THR A 41 10.76 5.94 21.10
CA THR A 41 11.95 5.39 21.74
C THR A 41 11.60 4.04 22.35
N VAL A 42 10.55 4.02 23.17
CA VAL A 42 10.09 2.77 23.77
C VAL A 42 9.68 1.73 22.70
N VAL A 43 9.15 2.20 21.57
CA VAL A 43 8.86 1.32 20.44
C VAL A 43 10.13 0.70 19.81
N CYS A 44 11.15 1.52 19.58
CA CYS A 44 12.46 1.01 19.16
C CYS A 44 13.01 -0.02 20.14
N ALA A 45 12.92 0.27 21.44
CA ALA A 45 13.38 -0.64 22.46
C ALA A 45 12.62 -1.97 22.45
N ALA A 46 11.30 -1.88 22.29
CA ALA A 46 10.43 -3.05 22.36
C ALA A 46 10.62 -3.95 21.14
N LEU A 47 10.68 -3.33 19.95
CA LEU A 47 10.92 -4.10 18.73
C LEU A 47 12.33 -4.71 18.76
N ALA A 48 13.32 -3.94 19.20
CA ALA A 48 14.68 -4.47 19.37
C ALA A 48 14.70 -5.71 20.29
N SER A 49 14.05 -5.59 21.45
CA SER A 49 13.96 -6.67 22.40
C SER A 49 13.28 -7.91 21.82
N ALA A 50 12.12 -7.73 21.19
CA ALA A 50 11.44 -8.84 20.52
C ALA A 50 12.31 -9.50 19.45
N ALA A 51 12.93 -8.68 18.60
CA ALA A 51 13.82 -9.21 17.56
C ALA A 51 15.03 -9.94 18.16
N ARG A 52 15.63 -9.37 19.19
CA ARG A 52 16.76 -10.01 19.88
C ARG A 52 16.37 -11.38 20.43
N GLN A 53 15.18 -11.45 21.03
CA GLN A 53 14.68 -12.72 21.59
C GLN A 53 14.38 -13.72 20.49
N ALA A 54 14.10 -13.20 19.29
CA ALA A 54 13.90 -14.07 18.13
C ALA A 54 15.22 -14.54 17.50
N GLY A 55 16.35 -14.10 18.05
CA GLY A 55 17.65 -14.50 17.55
C GLY A 55 18.23 -13.58 16.48
N ILE A 56 17.58 -12.42 16.29
CA ILE A 56 18.04 -11.42 15.33
C ILE A 56 18.94 -10.37 15.97
N ASP A 57 20.06 -10.10 15.32
CA ASP A 57 20.96 -9.04 15.75
C ASP A 57 20.39 -7.65 15.45
N VAL A 58 20.33 -6.80 16.47
CA VAL A 58 19.74 -5.45 16.31
C VAL A 58 20.73 -4.31 16.55
N ALA A 59 20.75 -3.36 15.61
CA ALA A 59 21.35 -2.07 15.86
C ALA A 59 20.27 -0.98 15.92
N VAL A 60 20.42 -0.03 16.84
CA VAL A 60 19.54 1.12 16.85
C VAL A 60 20.35 2.40 16.61
N CYS A 61 19.77 3.29 15.84
CA CYS A 61 20.46 4.45 15.32
C CYS A 61 19.62 5.72 15.47
N LYS A 62 20.22 6.75 16.06
CA LYS A 62 19.55 8.03 16.19
C LYS A 62 20.50 9.11 15.67
N PRO A 63 20.41 9.38 14.36
CA PRO A 63 21.33 10.30 13.70
C PRO A 63 21.25 11.74 14.19
N VAL A 64 20.09 12.16 14.67
CA VAL A 64 19.89 13.52 15.18
C VAL A 64 19.10 13.50 16.50
N GLN A 65 19.76 13.96 17.56
CA GLN A 65 19.18 14.01 18.90
C GLN A 65 19.16 15.45 19.39
N THR A 66 17.98 15.97 19.73
CA THR A 66 17.95 17.28 20.39
C THR A 66 17.49 17.12 21.85
N GLY A 67 17.61 18.19 22.64
CA GLY A 67 17.21 18.12 24.04
C GLY A 67 18.24 17.46 24.94
N THR A 68 19.49 17.39 24.49
CA THR A 68 20.52 16.72 25.29
C THR A 68 20.80 17.49 26.58
N ALA A 69 20.60 18.82 26.53
CA ALA A 69 20.77 19.65 27.72
C ALA A 69 19.66 19.47 28.75
N ARG A 70 18.56 18.81 28.36
CA ARG A 70 17.49 18.48 29.31
C ARG A 70 17.56 17.03 29.72
N GLY A 71 18.63 16.36 29.29
CA GLY A 71 18.88 14.99 29.67
C GLY A 71 18.47 13.95 28.64
N ASP A 72 17.74 14.36 27.60
CA ASP A 72 17.26 13.40 26.60
C ASP A 72 18.39 12.63 25.95
N ASP A 73 18.22 11.31 25.87
CA ASP A 73 19.19 10.47 25.20
C ASP A 73 18.49 9.15 24.88
N ASP A 74 17.90 9.12 23.69
CA ASP A 74 17.06 8.02 23.28
C ASP A 74 17.83 6.71 23.14
N LEU A 75 19.07 6.80 22.67
CA LEU A 75 19.93 5.63 22.50
C LEU A 75 20.26 5.01 23.85
N ALA A 76 20.55 5.86 24.83
CA ALA A 76 20.84 5.38 26.18
C ALA A 76 19.59 4.75 26.80
N GLU A 77 18.43 5.33 26.56
CA GLU A 77 17.20 4.72 27.08
C GLU A 77 16.96 3.36 26.45
N VAL A 78 17.24 3.24 25.16
CA VAL A 78 17.07 1.97 24.44
C VAL A 78 18.04 0.91 24.98
N GLY A 79 19.28 1.31 25.22
CA GLY A 79 20.24 0.41 25.90
C GLY A 79 19.72 -0.05 27.26
N ARG A 80 19.31 0.89 28.09
CA ARG A 80 18.66 0.59 29.36
C ARG A 80 17.52 -0.43 29.21
N LEU A 81 16.55 -0.10 28.36
CA LEU A 81 15.31 -0.88 28.26
C LEU A 81 15.50 -2.26 27.67
N ALA A 82 16.22 -2.33 26.56
CA ALA A 82 16.26 -3.54 25.75
C ALA A 82 17.59 -4.30 25.86
N GLY A 83 18.60 -3.65 26.43
CA GLY A 83 19.93 -4.26 26.51
C GLY A 83 20.71 -4.19 25.21
N VAL A 84 20.29 -3.31 24.31
CA VAL A 84 20.97 -3.14 23.02
C VAL A 84 22.32 -2.48 23.23
N THR A 85 23.36 -3.01 22.59
CA THR A 85 24.72 -2.46 22.76
C THR A 85 25.14 -1.70 21.51
N GLN A 86 24.61 -2.13 20.38
CA GLN A 86 24.91 -1.50 19.09
C GLN A 86 24.06 -0.23 18.87
N LEU A 87 24.56 0.86 19.44
CA LEU A 87 23.85 2.14 19.45
C LEU A 87 24.65 3.19 18.65
N ALA A 88 24.03 3.77 17.63
CA ALA A 88 24.75 4.62 16.70
C ALA A 88 24.20 6.05 16.67
N GLY A 89 24.96 6.99 17.20
CA GLY A 89 24.54 8.38 17.22
C GLY A 89 25.42 9.23 16.33
N LEU A 90 25.06 10.50 16.20
CA LEU A 90 25.80 11.39 15.31
C LEU A 90 25.73 12.82 15.83
N ALA A 91 24.63 13.51 15.56
CA ALA A 91 24.43 14.88 16.00
C ALA A 91 23.65 14.90 17.30
N ARG A 92 24.09 15.71 18.26
CA ARG A 92 23.31 15.97 19.46
C ARG A 92 23.28 17.47 19.77
N TYR A 93 22.07 17.98 19.93
CA TYR A 93 21.89 19.41 20.19
C TYR A 93 21.20 19.59 21.54
N PRO A 94 21.73 20.51 22.37
CA PRO A 94 21.26 20.77 23.74
C PRO A 94 19.76 21.07 23.89
N GLN A 95 19.22 22.00 23.11
CA GLN A 95 17.85 22.47 23.35
C GLN A 95 16.80 21.51 22.78
N PRO A 96 15.71 21.26 23.53
CA PRO A 96 14.60 20.41 23.09
C PRO A 96 13.71 21.09 22.04
N MET A 97 14.27 21.33 20.88
CA MET A 97 13.51 21.90 19.77
C MET A 97 13.77 21.12 18.48
N ALA A 98 13.20 21.63 17.39
CA ALA A 98 13.53 21.13 16.07
C ALA A 98 15.06 21.25 15.86
N PRO A 99 15.67 20.20 15.29
CA PRO A 99 17.10 20.18 14.96
C PRO A 99 17.61 21.51 14.39
N ALA A 100 16.96 22.04 13.36
CA ALA A 100 17.36 23.31 12.78
C ALA A 100 17.54 24.43 13.83
N ALA A 101 16.55 24.56 14.71
CA ALA A 101 16.53 25.59 15.73
C ALA A 101 17.46 25.27 16.88
N ALA A 102 17.59 23.98 17.20
CA ALA A 102 18.47 23.54 18.25
C ALA A 102 19.93 23.73 17.82
N ALA A 103 20.20 23.45 16.54
CA ALA A 103 21.53 23.66 15.97
C ALA A 103 21.88 25.15 15.97
N GLU A 104 20.95 25.98 15.50
CA GLU A 104 21.15 27.41 15.45
C GLU A 104 21.40 27.98 16.85
N HIS A 105 20.61 27.53 17.82
CA HIS A 105 20.73 28.03 19.18
C HIS A 105 22.13 27.77 19.75
N ALA A 106 22.70 26.62 19.38
CA ALA A 106 24.03 26.18 19.85
C ALA A 106 25.18 26.76 19.02
N GLY A 107 24.84 27.46 17.95
CA GLY A 107 25.85 27.97 17.03
C GLY A 107 26.51 26.80 16.32
N MET A 108 25.71 25.77 16.06
CA MET A 108 26.16 24.62 15.29
C MET A 108 25.40 24.52 13.98
N ALA A 109 25.75 23.51 13.19
CA ALA A 109 25.04 23.26 11.95
C ALA A 109 24.38 21.89 12.00
N LEU A 110 23.47 21.65 11.07
CA LEU A 110 22.88 20.33 10.88
C LEU A 110 23.91 19.48 10.16
N PRO A 111 23.85 18.14 10.35
CA PRO A 111 24.75 17.27 9.60
C PRO A 111 24.38 17.31 8.12
N ALA A 112 25.24 16.77 7.28
CA ALA A 112 24.92 16.63 5.87
C ALA A 112 24.08 15.37 5.69
N ARG A 113 23.34 15.32 4.59
CA ARG A 113 22.60 14.13 4.20
C ARG A 113 23.49 12.88 4.11
N ASP A 114 24.68 13.03 3.55
CA ASP A 114 25.60 11.90 3.41
C ASP A 114 26.12 11.35 4.73
N GLN A 115 26.27 12.20 5.74
CA GLN A 115 26.72 11.73 7.04
C GLN A 115 25.68 10.83 7.71
N ILE A 116 24.41 11.17 7.54
CA ILE A 116 23.34 10.37 8.11
C ILE A 116 23.28 9.03 7.43
N VAL A 117 23.35 9.06 6.10
CA VAL A 117 23.32 7.86 5.29
C VAL A 117 24.50 6.93 5.61
N ARG A 118 25.68 7.51 5.77
CA ARG A 118 26.88 6.77 6.15
C ARG A 118 26.74 6.15 7.54
N LEU A 119 26.21 6.91 8.47
CA LEU A 119 26.06 6.43 9.82
C LEU A 119 25.26 5.11 9.81
N ILE A 120 24.22 5.09 8.97
CA ILE A 120 23.35 3.92 8.81
C ILE A 120 24.03 2.79 8.04
N ALA A 121 24.63 3.14 6.90
CA ALA A 121 25.23 2.13 6.01
C ALA A 121 26.41 1.39 6.66
N ASP A 122 27.16 2.08 7.52
CA ASP A 122 28.25 1.44 8.26
C ASP A 122 27.76 0.32 9.19
N LEU A 123 26.46 0.28 9.47
CA LEU A 123 25.93 -0.71 10.39
C LEU A 123 25.62 -2.02 9.69
N ASP A 124 25.82 -2.06 8.36
CA ASP A 124 25.36 -3.19 7.56
C ASP A 124 26.01 -4.51 7.98
N ARG A 125 25.18 -5.51 8.29
CA ARG A 125 25.63 -6.88 8.50
C ARG A 125 24.57 -7.79 7.91
N PRO A 126 24.95 -9.00 7.46
CA PRO A 126 23.92 -9.87 6.89
C PRO A 126 22.86 -10.28 7.91
N GLY A 127 21.60 -9.96 7.61
CA GLY A 127 20.49 -10.38 8.46
C GLY A 127 20.33 -9.57 9.73
N ARG A 128 21.05 -8.44 9.80
CA ARG A 128 20.84 -7.52 10.90
C ARG A 128 19.55 -6.73 10.71
N LEU A 129 18.88 -6.41 11.81
CA LEU A 129 17.76 -5.44 11.77
C LEU A 129 18.24 -4.12 12.36
N THR A 130 18.21 -3.09 11.54
CA THR A 130 18.67 -1.78 11.98
C THR A 130 17.47 -0.86 12.11
N LEU A 131 17.30 -0.31 13.30
CA LEU A 131 16.23 0.66 13.56
C LEU A 131 16.80 2.05 13.56
N VAL A 132 16.26 2.90 12.68
CA VAL A 132 16.67 4.30 12.63
C VAL A 132 15.56 5.17 13.20
N GLU A 133 15.80 5.74 14.39
CA GLU A 133 14.79 6.59 15.04
C GLU A 133 14.90 8.06 14.60
N GLY A 134 13.78 8.63 14.17
CA GLY A 134 13.77 10.03 13.79
C GLY A 134 13.69 10.97 14.99
N ALA A 135 13.75 12.28 14.71
CA ALA A 135 13.54 13.31 15.72
C ALA A 135 12.18 13.94 15.39
N GLY A 136 11.24 13.86 16.30
CA GLY A 136 9.88 14.29 16.00
C GLY A 136 9.25 13.46 14.90
N GLY A 137 8.35 14.07 14.12
CA GLY A 137 7.64 13.39 13.06
C GLY A 137 8.40 13.30 11.74
N LEU A 138 7.72 12.82 10.72
CA LEU A 138 8.35 12.40 9.46
C LEU A 138 9.07 13.51 8.70
N LEU A 139 8.49 14.70 8.70
CA LEU A 139 8.99 15.77 7.85
C LEU A 139 9.83 16.81 8.60
N VAL A 140 10.24 16.49 9.82
CA VAL A 140 11.20 17.32 10.51
C VAL A 140 12.53 17.32 9.70
N GLU A 141 13.09 18.51 9.50
CA GLU A 141 14.37 18.65 8.80
C GLU A 141 15.53 18.10 9.63
N LEU A 142 16.24 17.11 9.09
CA LEU A 142 17.38 16.50 9.79
C LEU A 142 18.73 17.00 9.25
N ALA A 143 18.74 17.38 7.98
CA ALA A 143 19.95 17.82 7.27
C ALA A 143 19.56 18.93 6.30
N GLU A 144 20.54 19.75 5.89
CA GLU A 144 20.23 20.84 4.95
C GLU A 144 20.41 20.41 3.50
N PRO A 145 19.56 20.92 2.60
CA PRO A 145 18.43 21.79 2.87
C PRO A 145 17.09 21.06 2.81
N GLY A 146 16.40 20.98 3.95
CA GLY A 146 15.08 20.36 4.00
C GLY A 146 15.12 18.86 3.88
N VAL A 147 16.26 18.25 4.17
CA VAL A 147 16.36 16.79 4.16
C VAL A 147 15.71 16.19 5.42
N THR A 148 14.73 15.32 5.20
CA THR A 148 13.94 14.71 6.27
C THR A 148 14.22 13.21 6.37
N LEU A 149 13.62 12.57 7.36
CA LEU A 149 13.77 11.12 7.54
C LEU A 149 13.17 10.38 6.35
N ARG A 150 12.19 10.99 5.69
CA ARG A 150 11.64 10.42 4.46
C ARG A 150 12.70 10.31 3.34
N ASP A 151 13.49 11.36 3.17
CA ASP A 151 14.60 11.35 2.19
C ASP A 151 15.64 10.30 2.55
N VAL A 152 15.97 10.20 3.82
CA VAL A 152 16.93 9.20 4.29
C VAL A 152 16.46 7.78 3.97
N ALA A 153 15.18 7.50 4.26
CA ALA A 153 14.59 6.19 3.98
C ALA A 153 14.67 5.86 2.49
N VAL A 154 14.47 6.87 1.63
CA VAL A 154 14.62 6.65 0.20
C VAL A 154 16.08 6.32 -0.17
N ASP A 155 17.03 7.10 0.35
CA ASP A 155 18.46 6.82 0.12
C ASP A 155 18.85 5.38 0.49
N VAL A 156 18.33 4.88 1.62
CA VAL A 156 18.78 3.57 2.12
C VAL A 156 17.85 2.40 1.81
N ALA A 157 16.80 2.69 1.04
CA ALA A 157 15.73 1.73 0.77
C ALA A 157 15.13 1.14 2.05
N ALA A 158 14.88 1.99 3.05
CA ALA A 158 14.19 1.56 4.27
C ALA A 158 12.68 1.61 4.15
N ALA A 159 12.00 0.77 4.93
CA ALA A 159 10.58 0.87 5.17
C ALA A 159 10.38 1.66 6.45
N ALA A 160 9.18 2.21 6.63
CA ALA A 160 8.87 3.02 7.76
C ALA A 160 7.84 2.36 8.68
N LEU A 161 8.20 2.26 9.94
CA LEU A 161 7.28 1.87 10.98
C LEU A 161 6.83 3.16 11.67
N VAL A 162 5.53 3.36 11.74
CA VAL A 162 5.04 4.63 12.28
C VAL A 162 4.33 4.47 13.62
N VAL A 163 4.88 5.15 14.62
CA VAL A 163 4.35 5.13 15.97
C VAL A 163 3.21 6.15 16.07
N VAL A 164 2.08 5.71 16.60
CA VAL A 164 0.86 6.51 16.66
C VAL A 164 0.32 6.48 18.08
N THR A 165 -0.57 7.42 18.41
CA THR A 165 -1.35 7.30 19.64
C THR A 165 -2.70 6.68 19.32
N ALA A 166 -3.47 6.38 20.37
CA ALA A 166 -4.85 5.94 20.23
C ALA A 166 -5.81 7.06 20.62
N ASP A 167 -5.25 8.26 20.80
CA ASP A 167 -6.00 9.46 21.20
C ASP A 167 -6.74 10.12 20.04
N LEU A 168 -7.78 10.87 20.37
CA LEU A 168 -8.49 11.73 19.43
C LEU A 168 -7.49 12.52 18.59
N GLY A 169 -7.64 12.50 17.27
CA GLY A 169 -6.72 13.25 16.43
C GLY A 169 -5.70 12.34 15.76
N THR A 170 -5.60 11.11 16.24
CA THR A 170 -4.64 10.15 15.66
C THR A 170 -4.93 9.75 14.23
N LEU A 171 -6.19 9.75 13.81
CA LEU A 171 -6.51 9.24 12.48
C LEU A 171 -6.05 10.23 11.40
N ASN A 172 -6.27 11.52 11.64
CA ASN A 172 -5.78 12.53 10.70
C ASN A 172 -4.24 12.49 10.61
N HIS A 173 -3.56 12.49 11.76
CA HIS A 173 -2.10 12.46 11.74
C HIS A 173 -1.51 11.20 11.10
N THR A 174 -2.11 10.04 11.38
CA THR A 174 -1.67 8.78 10.75
C THR A 174 -1.80 8.83 9.22
N LYS A 175 -2.98 9.22 8.76
CA LYS A 175 -3.24 9.33 7.32
C LYS A 175 -2.36 10.36 6.63
N LEU A 176 -2.11 11.51 7.27
CA LEU A 176 -1.16 12.49 6.72
C LEU A 176 0.22 11.87 6.54
N THR A 177 0.63 11.09 7.55
CA THR A 177 1.98 10.55 7.58
C THR A 177 2.15 9.46 6.54
N LEU A 178 1.13 8.60 6.42
CA LEU A 178 1.16 7.52 5.45
C LEU A 178 1.10 8.06 4.03
N GLU A 179 0.30 9.11 3.83
CA GLU A 179 0.27 9.75 2.51
C GLU A 179 1.65 10.29 2.13
N ALA A 180 2.33 10.92 3.07
CA ALA A 180 3.68 11.46 2.79
C ALA A 180 4.73 10.38 2.51
N LEU A 181 4.62 9.22 3.18
CA LEU A 181 5.47 8.08 2.82
C LEU A 181 5.23 7.64 1.37
N ALA A 182 3.96 7.48 1.02
CA ALA A 182 3.56 6.96 -0.26
C ALA A 182 4.00 7.92 -1.38
N ALA A 183 4.00 9.21 -1.07
CA ALA A 183 4.36 10.24 -2.05
C ALA A 183 5.80 10.10 -2.55
N GLN A 184 6.67 9.49 -1.74
CA GLN A 184 8.06 9.24 -2.15
C GLN A 184 8.34 7.74 -2.25
N GLN A 185 7.28 6.96 -2.46
CA GLN A 185 7.36 5.51 -2.55
C GLN A 185 8.18 4.84 -1.43
N VAL A 186 8.06 5.37 -0.22
CA VAL A 186 8.64 4.74 0.95
C VAL A 186 7.62 3.76 1.52
N SER A 187 8.01 2.49 1.59
CA SER A 187 7.09 1.42 2.00
C SER A 187 6.69 1.55 3.48
N ALA A 189 5.77 -0.26 6.87
CA ALA A 189 5.96 -1.51 7.58
C ALA A 189 4.81 -1.83 8.54
N GLY A 190 4.01 -0.82 8.86
CA GLY A 190 2.89 -0.95 9.80
C GLY A 190 2.86 0.16 10.85
N LEU A 191 1.85 0.09 11.72
CA LEU A 191 1.69 1.05 12.83
C LEU A 191 2.06 0.36 14.13
N VAL A 192 2.53 1.15 15.09
CA VAL A 192 2.61 0.69 16.47
C VAL A 192 1.95 1.74 17.37
N ILE A 193 1.01 1.32 18.19
CA ILE A 193 0.45 2.21 19.19
C ILE A 193 1.43 2.30 20.36
N GLY A 194 2.00 3.50 20.56
CA GLY A 194 3.11 3.68 21.49
C GLY A 194 2.70 3.54 22.94
N SER A 195 1.44 3.86 23.23
CA SER A 195 0.90 3.72 24.57
C SER A 195 -0.59 3.34 24.54
N TRP A 196 -0.89 2.19 25.13
CA TRP A 196 -2.23 1.63 25.09
C TRP A 196 -2.83 1.51 26.50
N PRO A 197 -3.91 2.25 26.76
CA PRO A 197 -4.52 2.38 28.09
C PRO A 197 -5.24 1.13 28.57
N ASP A 198 -5.25 0.93 29.88
CA ASP A 198 -6.06 -0.12 30.48
C ASP A 198 -6.91 0.43 31.62
N PRO A 199 -8.24 0.33 31.49
CA PRO A 199 -8.88 -0.21 30.30
C PRO A 199 -8.98 0.83 29.18
N PRO A 200 -9.17 0.37 27.93
CA PRO A 200 -9.36 1.30 26.82
C PRO A 200 -10.75 1.95 26.83
N GLY A 201 -10.79 3.27 26.75
CA GLY A 201 -12.06 3.98 26.66
C GLY A 201 -12.70 3.83 25.29
N LEU A 202 -13.86 4.46 25.13
CA LEU A 202 -14.58 4.46 23.85
C LEU A 202 -13.74 4.92 22.70
N VAL A 203 -13.14 6.10 22.84
CA VAL A 203 -12.34 6.71 21.79
C VAL A 203 -11.13 5.84 21.43
N ALA A 204 -10.40 5.40 22.46
CA ALA A 204 -9.24 4.54 22.26
C ALA A 204 -9.63 3.23 21.56
N ALA A 205 -10.66 2.57 22.06
CA ALA A 205 -11.11 1.32 21.45
C ALA A 205 -11.52 1.53 20.00
N SER A 206 -12.32 2.54 19.70
CA SER A 206 -12.71 2.73 18.30
C SER A 206 -11.52 3.15 17.43
N ASN A 207 -10.59 3.93 17.99
CA ASN A 207 -9.37 4.31 17.29
C ASN A 207 -8.48 3.12 16.94
N ARG A 208 -8.37 2.15 17.84
CA ARG A 208 -7.57 0.98 17.53
C ARG A 208 -8.15 0.22 16.35
N SER A 209 -9.47 0.10 16.30
CA SER A 209 -10.14 -0.53 15.16
C SER A 209 -10.01 0.28 13.89
N ALA A 210 -10.14 1.59 14.00
CA ALA A 210 -10.04 2.46 12.83
C ALA A 210 -8.61 2.46 12.25
N LEU A 211 -7.61 2.57 13.12
CA LEU A 211 -6.21 2.46 12.72
C LEU A 211 -5.94 1.14 12.01
N ALA A 212 -6.53 0.04 12.49
CA ALA A 212 -6.37 -1.27 11.85
C ALA A 212 -7.07 -1.43 10.48
N ARG A 213 -7.95 -0.50 10.12
CA ARG A 213 -8.52 -0.40 8.75
C ARG A 213 -7.61 0.36 7.79
N ILE A 214 -6.77 1.23 8.35
CA ILE A 214 -5.86 2.05 7.56
C ILE A 214 -4.55 1.29 7.26
N ALA A 215 -4.14 0.42 8.18
CA ALA A 215 -2.85 -0.24 8.07
C ALA A 215 -2.74 -1.35 9.09
N MET A 216 -1.71 -2.18 8.96
CA MET A 216 -1.49 -3.23 9.95
C MET A 216 -0.99 -2.58 11.22
N VAL A 217 -1.61 -2.95 12.34
CA VAL A 217 -1.16 -2.53 13.66
C VAL A 217 -0.30 -3.64 14.22
N ARG A 218 1.00 -3.36 14.34
CA ARG A 218 2.00 -4.35 14.69
C ARG A 218 2.01 -4.66 16.19
N ALA A 219 1.68 -3.65 16.98
CA ALA A 219 1.73 -3.76 18.42
C ALA A 219 0.99 -2.60 19.04
N ALA A 220 0.54 -2.80 20.26
CA ALA A 220 -0.01 -1.71 21.03
C ALA A 220 0.56 -1.89 22.40
N LEU A 221 1.63 -1.17 22.70
CA LEU A 221 2.38 -1.33 23.94
C LEU A 221 1.62 -0.81 25.14
N PRO A 222 1.54 -1.62 26.20
CA PRO A 222 0.88 -1.22 27.44
C PRO A 222 1.39 0.14 27.92
N ALA A 223 0.48 1.03 28.29
CA ALA A 223 0.89 2.31 28.87
C ALA A 223 1.82 2.02 30.06
N GLY A 224 2.83 2.85 30.25
CA GLY A 224 3.80 2.64 31.33
C GLY A 224 4.93 1.65 31.04
N ALA A 225 4.97 1.11 29.81
CA ALA A 225 6.00 0.16 29.41
C ALA A 225 7.42 0.66 29.65
N ALA A 226 7.65 1.94 29.41
CA ALA A 226 8.98 2.55 29.57
C ALA A 226 9.52 2.47 31.00
N SER A 227 8.63 2.24 31.97
CA SER A 227 9.05 2.22 33.37
C SER A 227 9.20 0.78 33.84
N LEU A 228 8.92 -0.16 32.94
CA LEU A 228 9.26 -1.53 33.22
C LEU A 228 10.78 -1.65 33.27
N ASP A 229 11.20 -2.89 33.42
CA ASP A 229 12.45 -3.18 34.05
C ASP A 229 12.90 -4.30 33.15
N ALA A 230 14.21 -4.49 33.03
CA ALA A 230 14.77 -5.38 32.00
C ALA A 230 13.93 -6.62 31.77
N GLY A 231 13.68 -7.36 32.84
CA GLY A 231 12.97 -8.63 32.75
C GLY A 231 11.54 -8.50 32.27
N ASP A 232 10.79 -7.58 32.85
CA ASP A 232 9.40 -7.41 32.45
C ASP A 232 9.29 -6.76 31.07
N PHE A 233 10.25 -5.91 30.73
CA PHE A 233 10.27 -5.26 29.42
C PHE A 233 10.45 -6.28 28.30
N ALA A 234 11.37 -7.23 28.48
CA ALA A 234 11.56 -8.29 27.50
C ALA A 234 10.31 -9.14 27.34
N ALA A 235 9.65 -9.42 28.46
CA ALA A 235 8.42 -10.21 28.43
C ALA A 235 7.30 -9.45 27.74
N MET A 236 7.15 -8.18 28.11
CA MET A 236 6.19 -7.31 27.44
C MET A 236 6.44 -7.28 25.94
N SER A 237 7.70 -7.09 25.57
CA SER A 237 8.08 -6.92 24.17
C SER A 237 7.77 -8.15 23.33
N ALA A 238 8.06 -9.33 23.86
CA ALA A 238 7.81 -10.59 23.15
C ALA A 238 6.33 -10.89 22.94
N ALA A 239 5.52 -10.50 23.90
CA ALA A 239 4.07 -10.66 23.82
C ALA A 239 3.44 -9.63 22.88
N ALA A 240 4.09 -8.47 22.76
CA ALA A 240 3.49 -7.32 22.06
C ALA A 240 3.43 -7.43 20.53
N PHE A 241 4.41 -8.10 19.93
CA PHE A 241 4.47 -8.25 18.47
C PHE A 241 4.05 -9.64 18.01
N ASP A 242 3.46 -9.74 16.82
CA ASP A 242 3.28 -11.06 16.21
C ASP A 242 4.65 -11.61 15.87
N ARG A 243 4.97 -12.80 16.37
CA ARG A 243 6.30 -13.36 16.15
C ARG A 243 6.53 -13.64 14.68
N ASN A 244 5.49 -14.05 13.98
CA ASN A 244 5.54 -14.26 12.54
C ASN A 244 5.98 -12.99 11.79
N TRP A 245 5.51 -11.82 12.24
CA TRP A 245 5.95 -10.58 11.59
C TRP A 245 7.41 -10.24 11.94
N VAL A 246 7.74 -10.29 13.22
CA VAL A 246 9.14 -10.10 13.66
C VAL A 246 10.09 -11.08 12.96
N ALA A 247 9.69 -12.35 12.88
CA ALA A 247 10.50 -13.40 12.25
C ALA A 247 10.78 -13.12 10.77
N GLY A 248 9.79 -12.57 10.09
CA GLY A 248 9.94 -12.27 8.68
C GLY A 248 10.71 -11.01 8.36
N LEU A 249 11.13 -10.27 9.39
CA LEU A 249 11.73 -8.95 9.15
C LEU A 249 13.06 -9.03 8.44
N VAL A 250 13.75 -10.15 8.60
CA VAL A 250 15.14 -10.25 8.19
C VAL A 250 15.44 -11.47 7.32
N GLY A 251 14.45 -11.89 6.53
CA GLY A 251 14.66 -12.91 5.51
C GLY A 251 13.52 -13.89 5.40
N GLN B 23 -16.20 31.20 -9.49
CA GLN B 23 -15.92 32.51 -8.84
C GLN B 23 -14.57 33.09 -9.29
N SER B 24 -14.52 34.41 -9.43
CA SER B 24 -13.28 35.11 -9.74
C SER B 24 -12.54 35.50 -8.48
N HIS B 25 -13.16 35.27 -7.32
CA HIS B 25 -12.58 35.62 -6.01
C HIS B 25 -12.53 34.41 -5.06
N MET B 26 -11.73 34.55 -4.00
CA MET B 26 -11.62 33.53 -2.97
C MET B 26 -12.76 33.65 -1.95
N THR B 27 -13.99 33.57 -2.49
CA THR B 27 -15.22 33.69 -1.73
C THR B 27 -15.52 32.46 -0.86
N ILE B 28 -14.92 31.32 -1.17
CA ILE B 28 -14.98 30.17 -0.28
C ILE B 28 -13.62 29.79 0.26
N LEU B 29 -13.50 29.80 1.59
CA LEU B 29 -12.32 29.25 2.26
C LEU B 29 -12.75 28.09 3.14
N VAL B 30 -12.16 26.92 2.94
CA VAL B 30 -12.27 25.92 4.00
C VAL B 30 -11.22 26.25 5.04
N VAL B 31 -11.59 26.04 6.30
CA VAL B 31 -10.75 26.38 7.43
C VAL B 31 -10.43 25.07 8.12
N THR B 32 -9.21 24.60 7.94
CA THR B 32 -8.80 23.33 8.48
C THR B 32 -7.73 23.57 9.56
N GLY B 33 -7.29 22.51 10.20
CA GLY B 33 -6.26 22.61 11.22
C GLY B 33 -5.24 21.50 11.04
N THR B 34 -4.11 21.62 11.72
CA THR B 34 -3.11 20.57 11.73
C THR B 34 -3.54 19.39 12.62
N GLY B 35 -4.57 19.60 13.44
CA GLY B 35 -5.05 18.57 14.36
C GLY B 35 -6.26 19.02 15.18
N THR B 36 -6.55 18.32 16.27
CA THR B 36 -7.66 18.69 17.16
C THR B 36 -7.15 19.71 18.17
N GLY B 37 -8.06 20.57 18.64
CA GLY B 37 -7.75 21.51 19.72
C GLY B 37 -6.76 22.60 19.36
N VAL B 38 -6.76 23.01 18.08
CA VAL B 38 -5.84 24.06 17.61
C VAL B 38 -6.50 25.45 17.54
N GLY B 39 -7.78 25.53 17.88
CA GLY B 39 -8.49 26.81 17.94
C GLY B 39 -9.15 27.20 16.62
N LYS B 40 -9.56 26.18 15.87
CA LYS B 40 -10.17 26.38 14.56
C LYS B 40 -11.41 27.29 14.59
N THR B 41 -12.29 27.06 15.57
CA THR B 41 -13.56 27.79 15.66
C THR B 41 -13.33 29.28 15.93
N VAL B 42 -12.43 29.57 16.86
CA VAL B 42 -12.09 30.95 17.18
C VAL B 42 -11.41 31.62 15.99
N VAL B 43 -10.62 30.87 15.22
CA VAL B 43 -10.08 31.44 13.99
C VAL B 43 -11.19 31.81 13.03
N CYS B 44 -12.13 30.89 12.81
CA CYS B 44 -13.29 31.15 11.96
C CYS B 44 -14.05 32.41 12.41
N ALA B 45 -14.23 32.55 13.72
CA ALA B 45 -14.93 33.70 14.33
C ALA B 45 -14.17 35.00 14.11
N ALA B 46 -12.86 34.94 14.28
CA ALA B 46 -11.99 36.13 14.18
C ALA B 46 -11.88 36.60 12.74
N LEU B 47 -11.78 35.65 11.81
CA LEU B 47 -11.82 36.00 10.39
C LEU B 47 -13.20 36.52 9.95
N ALA B 48 -14.28 35.87 10.39
CA ALA B 48 -15.62 36.40 10.15
C ALA B 48 -15.78 37.82 10.70
N SER B 49 -15.25 38.06 11.90
CA SER B 49 -15.37 39.38 12.52
C SER B 49 -14.56 40.42 11.74
N ALA B 50 -13.35 40.08 11.33
CA ALA B 50 -12.49 40.99 10.60
C ALA B 50 -13.08 41.32 9.23
N ALA B 51 -13.66 40.31 8.58
CA ALA B 51 -14.34 40.49 7.30
C ALA B 51 -15.59 41.38 7.43
N ARG B 52 -16.37 41.15 8.48
CA ARG B 52 -17.52 41.99 8.76
C ARG B 52 -17.11 43.44 8.89
N GLN B 53 -16.02 43.68 9.62
CA GLN B 53 -15.52 45.04 9.84
C GLN B 53 -14.87 45.66 8.59
N ALA B 54 -14.61 44.82 7.59
CA ALA B 54 -14.14 45.28 6.29
C ALA B 54 -15.31 45.50 5.33
N GLY B 55 -16.52 45.38 5.86
CA GLY B 55 -17.74 45.61 5.08
C GLY B 55 -18.11 44.46 4.19
N ILE B 56 -17.65 43.27 4.55
CA ILE B 56 -17.90 42.05 3.80
C ILE B 56 -19.00 41.24 4.49
N ASP B 57 -19.84 40.62 3.67
CA ASP B 57 -20.91 39.73 4.10
C ASP B 57 -20.28 38.40 4.45
N VAL B 58 -20.65 37.81 5.59
CA VAL B 58 -20.03 36.53 5.99
C VAL B 58 -21.04 35.41 6.30
N ALA B 59 -20.75 34.21 5.82
CA ALA B 59 -21.45 33.01 6.28
C ALA B 59 -20.44 32.01 6.80
N VAL B 60 -20.85 31.24 7.80
CA VAL B 60 -20.02 30.18 8.34
C VAL B 60 -20.77 28.85 8.33
N CYS B 61 -20.13 27.85 7.73
CA CYS B 61 -20.70 26.53 7.60
C CYS B 61 -19.85 25.49 8.35
N LYS B 62 -20.44 24.79 9.30
CA LYS B 62 -19.79 23.63 9.87
C LYS B 62 -20.67 22.40 9.65
N PRO B 63 -20.48 21.77 8.49
CA PRO B 63 -21.35 20.68 8.02
C PRO B 63 -21.50 19.58 9.07
N VAL B 64 -20.40 19.17 9.67
CA VAL B 64 -20.41 18.10 10.64
C VAL B 64 -19.69 18.50 11.94
N GLN B 65 -20.37 18.25 13.05
CA GLN B 65 -19.93 18.69 14.34
C GLN B 65 -20.00 17.48 15.30
N THR B 66 -18.98 17.26 16.11
CA THR B 66 -19.10 16.25 17.18
C THR B 66 -18.80 16.82 18.56
N GLY B 67 -18.95 15.99 19.58
CA GLY B 67 -18.75 16.41 20.97
C GLY B 67 -19.79 17.42 21.47
N THR B 68 -20.99 17.40 20.90
CA THR B 68 -22.02 18.35 21.32
C THR B 68 -22.42 18.16 22.79
N ALA B 69 -22.77 16.93 23.15
CA ALA B 69 -23.19 16.59 24.51
C ALA B 69 -22.22 17.08 25.61
N ARG B 70 -20.93 17.22 25.27
CA ARG B 70 -19.97 17.76 26.24
C ARG B 70 -19.85 19.29 26.15
N GLY B 71 -20.81 19.91 25.44
CA GLY B 71 -20.89 21.37 25.38
C GLY B 71 -20.88 21.97 23.98
N ASP B 72 -20.02 21.42 23.11
CA ASP B 72 -19.69 22.03 21.82
C ASP B 72 -20.84 22.30 20.82
N ASP B 73 -21.15 23.57 20.59
CA ASP B 73 -21.88 23.99 19.38
C ASP B 73 -21.08 25.13 18.78
N ASP B 74 -20.18 24.79 17.87
CA ASP B 74 -19.22 25.74 17.34
C ASP B 74 -19.88 26.89 16.59
N LEU B 75 -20.99 26.61 15.92
CA LEU B 75 -21.70 27.65 15.19
C LEU B 75 -22.26 28.72 16.15
N ALA B 76 -22.78 28.28 17.29
CA ALA B 76 -23.26 29.20 18.30
C ALA B 76 -22.14 30.08 18.87
N GLU B 77 -20.95 29.52 19.06
CA GLU B 77 -19.87 30.35 19.58
C GLU B 77 -19.36 31.34 18.53
N VAL B 78 -19.37 30.93 17.26
CA VAL B 78 -19.11 31.84 16.15
C VAL B 78 -20.16 32.98 16.09
N GLY B 79 -21.44 32.61 16.16
CA GLY B 79 -22.51 33.61 16.25
C GLY B 79 -22.28 34.61 17.38
N ARG B 80 -21.91 34.08 18.53
CA ARG B 80 -21.74 34.91 19.72
C ARG B 80 -20.50 35.80 19.62
N LEU B 81 -19.38 35.21 19.21
CA LEU B 81 -18.12 35.95 19.19
C LEU B 81 -18.10 36.98 18.08
N ALA B 82 -18.68 36.62 16.94
CA ALA B 82 -18.49 37.39 15.72
C ALA B 82 -19.75 38.12 15.22
N GLY B 83 -20.91 37.78 15.77
CA GLY B 83 -22.16 38.39 15.31
C GLY B 83 -22.62 37.83 13.99
N VAL B 84 -22.17 36.63 13.65
CA VAL B 84 -22.56 36.00 12.39
C VAL B 84 -23.95 35.35 12.52
N THR B 85 -24.84 35.65 11.57
CA THR B 85 -26.20 35.07 11.55
C THR B 85 -26.39 33.99 10.49
N GLN B 86 -25.52 33.96 9.49
CA GLN B 86 -25.63 32.95 8.46
C GLN B 86 -24.77 31.76 8.86
N LEU B 87 -25.39 30.87 9.61
CA LEU B 87 -24.70 29.76 10.27
C LEU B 87 -25.36 28.49 9.82
N ALA B 88 -24.60 27.65 9.12
CA ALA B 88 -25.14 26.49 8.45
C ALA B 88 -24.41 25.19 8.84
N GLY B 89 -25.17 24.12 9.04
CA GLY B 89 -24.58 22.82 9.38
C GLY B 89 -25.60 21.73 9.11
N LEU B 90 -25.18 20.48 9.23
CA LEU B 90 -25.99 19.37 8.72
C LEU B 90 -26.18 18.25 9.73
N ALA B 91 -25.18 18.03 10.58
CA ALA B 91 -25.17 16.90 11.53
C ALA B 91 -24.37 17.28 12.76
N ARG B 92 -24.91 16.90 13.91
CA ARG B 92 -24.28 17.16 15.19
C ARG B 92 -24.28 15.88 15.99
N TYR B 93 -23.10 15.45 16.42
CA TYR B 93 -22.99 14.22 17.22
C TYR B 93 -22.52 14.51 18.64
N PRO B 94 -23.14 13.85 19.62
CA PRO B 94 -22.90 13.90 21.06
C PRO B 94 -21.47 13.57 21.48
N GLN B 95 -21.01 12.38 21.09
CA GLN B 95 -19.70 11.84 21.45
C GLN B 95 -18.52 12.63 20.87
N PRO B 96 -17.52 12.92 21.69
CA PRO B 96 -16.35 13.67 21.21
C PRO B 96 -15.39 12.75 20.46
N MET B 97 -15.78 12.36 19.27
CA MET B 97 -15.06 11.39 18.47
C MET B 97 -14.91 11.92 17.05
N ALA B 98 -14.10 11.22 16.26
CA ALA B 98 -14.12 11.38 14.82
C ALA B 98 -15.57 11.24 14.37
N PRO B 99 -16.03 12.12 13.47
CA PRO B 99 -17.37 11.98 12.91
C PRO B 99 -17.74 10.52 12.59
N ALA B 100 -16.87 9.80 11.90
CA ALA B 100 -17.14 8.40 11.56
C ALA B 100 -17.46 7.55 12.78
N ALA B 101 -16.67 7.68 13.82
CA ALA B 101 -16.86 6.92 15.05
C ALA B 101 -18.11 7.38 15.78
N ALA B 102 -18.34 8.70 15.82
CA ALA B 102 -19.54 9.24 16.45
C ALA B 102 -20.80 8.72 15.74
N ALA B 103 -20.75 8.72 14.41
CA ALA B 103 -21.86 8.20 13.59
C ALA B 103 -22.11 6.73 13.88
N GLU B 104 -21.03 5.95 13.94
CA GLU B 104 -21.16 4.51 14.21
C GLU B 104 -21.75 4.27 15.59
N HIS B 105 -21.29 5.04 16.58
CA HIS B 105 -21.77 4.89 17.95
C HIS B 105 -23.26 5.23 18.09
N ALA B 106 -23.67 6.34 17.47
CA ALA B 106 -25.06 6.76 17.49
C ALA B 106 -25.94 5.86 16.63
N GLY B 107 -25.30 5.13 15.72
CA GLY B 107 -26.02 4.33 14.74
C GLY B 107 -26.67 5.18 13.67
N MET B 108 -26.10 6.35 13.42
CA MET B 108 -26.67 7.33 12.47
C MET B 108 -25.61 7.83 11.49
N ALA B 109 -25.73 7.43 10.23
CA ALA B 109 -24.70 7.68 9.22
C ALA B 109 -24.38 9.16 9.03
N LEU B 110 -23.22 9.43 8.46
CA LEU B 110 -22.80 10.80 8.16
C LEU B 110 -23.58 11.33 6.97
N PRO B 111 -23.52 12.64 6.72
CA PRO B 111 -24.06 13.16 5.46
C PRO B 111 -23.33 12.56 4.24
N ALA B 112 -23.95 12.72 3.07
CA ALA B 112 -23.35 12.36 1.79
C ALA B 112 -22.47 13.51 1.32
N ARG B 113 -21.57 13.20 0.39
CA ARG B 113 -20.73 14.21 -0.26
C ARG B 113 -21.53 15.35 -0.88
N ASP B 114 -22.49 15.03 -1.74
CA ASP B 114 -23.24 16.06 -2.48
C ASP B 114 -24.02 17.01 -1.57
N GLN B 115 -24.37 16.53 -0.39
CA GLN B 115 -25.08 17.30 0.62
C GLN B 115 -24.20 18.42 1.15
N ILE B 116 -22.99 18.05 1.58
CA ILE B 116 -22.05 19.04 2.08
C ILE B 116 -21.65 20.01 0.98
N VAL B 117 -21.32 19.47 -0.20
CA VAL B 117 -20.88 20.30 -1.33
C VAL B 117 -21.94 21.33 -1.77
N ARG B 118 -23.18 20.88 -1.96
CA ARG B 118 -24.26 21.78 -2.37
C ARG B 118 -24.61 22.83 -1.31
N LEU B 119 -24.69 22.39 -0.05
CA LEU B 119 -24.87 23.32 1.05
C LEU B 119 -23.87 24.47 0.93
N ILE B 120 -22.60 24.12 0.78
CA ILE B 120 -21.56 25.16 0.67
C ILE B 120 -21.73 26.01 -0.59
N ALA B 121 -21.88 25.35 -1.73
CA ALA B 121 -22.07 26.06 -2.99
C ALA B 121 -23.29 27.01 -3.01
N ASP B 122 -24.37 26.65 -2.31
CA ASP B 122 -25.58 27.48 -2.21
C ASP B 122 -25.38 28.73 -1.35
N LEU B 123 -24.57 28.59 -0.29
CA LEU B 123 -24.18 29.71 0.55
C LEU B 123 -23.37 30.75 -0.23
N ASP B 124 -22.57 30.27 -1.16
CA ASP B 124 -21.61 31.10 -1.88
C ASP B 124 -22.32 32.19 -2.68
N ARG B 125 -21.89 33.43 -2.47
CA ARG B 125 -22.50 34.62 -3.07
C ARG B 125 -21.41 35.63 -3.38
N PRO B 126 -21.58 36.42 -4.46
CA PRO B 126 -20.69 37.55 -4.64
C PRO B 126 -20.85 38.52 -3.48
N GLY B 127 -19.73 39.07 -3.01
CA GLY B 127 -19.76 39.98 -1.89
C GLY B 127 -19.68 39.27 -0.56
N ARG B 128 -19.76 37.94 -0.60
CA ARG B 128 -19.76 37.15 0.63
C ARG B 128 -18.53 36.27 0.78
N LEU B 129 -18.02 36.22 2.00
CA LEU B 129 -16.98 35.27 2.39
C LEU B 129 -17.66 34.08 3.06
N THR B 130 -17.54 32.90 2.46
CA THR B 130 -18.08 31.68 3.04
C THR B 130 -16.95 30.83 3.64
N LEU B 131 -16.97 30.65 4.95
CA LEU B 131 -15.97 29.87 5.68
C LEU B 131 -16.52 28.50 6.04
N VAL B 132 -15.79 27.45 5.67
CA VAL B 132 -16.21 26.10 6.03
C VAL B 132 -15.28 25.50 7.08
N GLU B 133 -15.79 25.34 8.30
CA GLU B 133 -15.00 24.72 9.36
C GLU B 133 -15.06 23.19 9.31
N GLY B 134 -13.91 22.55 9.22
CA GLY B 134 -13.85 21.09 9.26
C GLY B 134 -13.93 20.59 10.68
N ALA B 135 -14.01 19.28 10.85
CA ALA B 135 -13.97 18.68 12.17
C ALA B 135 -12.63 17.99 12.30
N GLY B 136 -11.85 18.38 13.30
CA GLY B 136 -10.48 17.90 13.42
C GLY B 136 -9.62 18.42 12.27
N GLY B 137 -8.66 17.60 11.84
CA GLY B 137 -7.75 17.94 10.75
C GLY B 137 -8.24 17.59 9.35
N LEU B 138 -7.39 17.86 8.37
CA LEU B 138 -7.75 17.91 6.96
C LEU B 138 -8.31 16.61 6.41
N LEU B 139 -7.74 15.51 6.89
CA LEU B 139 -8.05 14.19 6.40
C LEU B 139 -9.10 13.47 7.24
N VAL B 140 -9.73 14.16 8.18
CA VAL B 140 -10.86 13.53 8.92
C VAL B 140 -12.04 13.24 7.98
N GLU B 141 -12.65 12.06 8.12
CA GLU B 141 -13.83 11.72 7.29
C GLU B 141 -15.05 12.54 7.74
N LEU B 142 -15.63 13.31 6.82
CA LEU B 142 -16.78 14.16 7.14
C LEU B 142 -18.07 13.60 6.56
N ALA B 143 -17.94 12.92 5.43
CA ALA B 143 -19.11 12.41 4.75
C ALA B 143 -18.85 11.01 4.21
N GLU B 144 -19.95 10.41 3.76
CA GLU B 144 -20.03 9.04 3.25
C GLU B 144 -19.65 8.96 1.79
N PRO B 145 -18.72 8.06 1.43
CA PRO B 145 -17.81 7.23 2.25
C PRO B 145 -16.32 7.65 2.16
N GLY B 146 -15.72 7.99 3.30
CA GLY B 146 -14.31 8.40 3.32
C GLY B 146 -14.07 9.78 2.73
N VAL B 147 -15.13 10.58 2.64
CA VAL B 147 -15.02 11.91 2.05
C VAL B 147 -14.53 12.95 3.07
N THR B 148 -13.45 13.63 2.72
CA THR B 148 -12.83 14.56 3.65
C THR B 148 -13.07 16.01 3.23
N LEU B 149 -12.66 16.93 4.11
CA LEU B 149 -12.69 18.35 3.81
C LEU B 149 -11.83 18.69 2.59
N ARG B 150 -10.75 17.96 2.37
CA ARG B 150 -9.95 18.14 1.17
C ARG B 150 -10.78 17.86 -0.10
N ASP B 151 -11.53 16.76 -0.09
CA ASP B 151 -12.39 16.39 -1.22
C ASP B 151 -13.45 17.48 -1.45
N VAL B 152 -14.11 17.89 -0.38
CA VAL B 152 -15.07 18.99 -0.46
C VAL B 152 -14.42 20.23 -1.08
N ALA B 153 -13.22 20.60 -0.61
CA ALA B 153 -12.52 21.77 -1.15
C ALA B 153 -12.25 21.65 -2.65
N VAL B 154 -11.81 20.46 -3.07
CA VAL B 154 -11.69 20.16 -4.49
C VAL B 154 -13.00 20.45 -5.26
N ASP B 155 -14.11 19.88 -4.80
CA ASP B 155 -15.39 19.99 -5.52
C ASP B 155 -15.89 21.42 -5.67
N VAL B 156 -15.59 22.26 -4.70
CA VAL B 156 -16.09 23.63 -4.70
C VAL B 156 -15.04 24.67 -5.14
N ALA B 157 -13.85 24.20 -5.50
CA ALA B 157 -12.73 25.05 -5.94
C ALA B 157 -12.29 26.08 -4.91
N ALA B 158 -12.36 25.69 -3.65
CA ALA B 158 -12.03 26.58 -2.55
C ALA B 158 -10.55 26.52 -2.24
N ALA B 159 -10.03 27.58 -1.62
CA ALA B 159 -8.71 27.49 -1.01
C ALA B 159 -8.85 27.06 0.46
N ALA B 160 -7.73 26.71 1.09
CA ALA B 160 -7.71 26.25 2.49
C ALA B 160 -6.88 27.15 3.39
N LEU B 161 -7.50 27.61 4.48
CA LEU B 161 -6.77 28.34 5.51
C LEU B 161 -6.44 27.34 6.60
N VAL B 162 -5.18 27.32 7.03
CA VAL B 162 -4.68 26.25 7.90
C VAL B 162 -4.38 26.79 9.30
N VAL B 163 -5.11 26.31 10.29
CA VAL B 163 -4.87 26.72 11.68
C VAL B 163 -3.78 25.83 12.30
N VAL B 164 -2.79 26.47 12.90
CA VAL B 164 -1.65 25.74 13.45
C VAL B 164 -1.42 26.14 14.93
N THR B 165 -0.71 25.30 15.67
CA THR B 165 -0.20 25.71 16.99
C THR B 165 1.18 26.35 16.81
N ALA B 166 1.71 26.92 17.90
CA ALA B 166 3.08 27.45 17.93
C ALA B 166 3.96 26.53 18.79
N ASP B 167 3.41 25.35 19.11
CA ASP B 167 4.01 24.39 20.01
C ASP B 167 4.99 23.51 19.25
N LEU B 168 5.84 22.82 19.99
CA LEU B 168 6.71 21.77 19.46
C LEU B 168 5.89 20.71 18.72
N GLY B 169 6.27 20.45 17.48
CA GLY B 169 5.54 19.47 16.69
C GLY B 169 4.80 20.13 15.53
N THR B 170 4.63 21.45 15.60
CA THR B 170 3.84 22.19 14.61
C THR B 170 4.45 22.18 13.22
N LEU B 171 5.79 22.15 13.15
CA LEU B 171 6.45 22.20 11.84
C LEU B 171 6.19 20.95 11.03
N ASN B 172 6.33 19.78 11.65
CA ASN B 172 5.95 18.54 10.99
C ASN B 172 4.47 18.54 10.56
N HIS B 173 3.58 18.84 11.51
CA HIS B 173 2.15 18.77 11.23
C HIS B 173 1.71 19.75 10.15
N THR B 174 2.29 20.95 10.16
CA THR B 174 2.02 21.94 9.13
C THR B 174 2.53 21.49 7.77
N LYS B 175 3.76 21.00 7.71
CA LYS B 175 4.28 20.54 6.43
C LYS B 175 3.45 19.38 5.89
N LEU B 176 3.08 18.45 6.76
CA LEU B 176 2.25 17.31 6.36
C LEU B 176 0.92 17.78 5.79
N THR B 177 0.32 18.77 6.42
CA THR B 177 -0.97 19.27 5.96
C THR B 177 -0.87 19.98 4.60
N LEU B 178 0.14 20.83 4.45
CA LEU B 178 0.41 21.52 3.20
C LEU B 178 0.76 20.54 2.09
N GLU B 179 1.46 19.47 2.43
CA GLU B 179 1.69 18.47 1.39
C GLU B 179 0.36 17.89 0.92
N ALA B 180 -0.50 17.48 1.86
CA ALA B 180 -1.79 16.89 1.51
C ALA B 180 -2.70 17.84 0.70
N LEU B 181 -2.66 19.13 1.00
CA LEU B 181 -3.36 20.11 0.17
C LEU B 181 -2.83 20.10 -1.26
N ALA B 182 -1.53 20.27 -1.40
CA ALA B 182 -0.91 20.36 -2.72
C ALA B 182 -1.07 19.05 -3.50
N ALA B 183 -1.20 17.93 -2.79
CA ALA B 183 -1.37 16.63 -3.46
C ALA B 183 -2.69 16.54 -4.22
N GLN B 184 -3.68 17.34 -3.84
CA GLN B 184 -4.92 17.42 -4.62
C GLN B 184 -5.11 18.82 -5.21
N GLN B 185 -4.01 19.57 -5.22
CA GLN B 185 -4.01 20.92 -5.81
C GLN B 185 -5.09 21.84 -5.20
N VAL B 186 -5.30 21.75 -3.89
CA VAL B 186 -6.09 22.79 -3.22
C VAL B 186 -5.15 23.85 -2.68
N SER B 187 -5.46 25.10 -2.98
CA SER B 187 -4.53 26.19 -2.71
C SER B 187 -4.26 26.47 -1.25
N ALA B 189 -3.93 29.42 1.09
CA ALA B 189 -4.31 30.82 1.34
C ALA B 189 -3.61 31.30 2.61
N GLY B 190 -3.01 30.37 3.34
CA GLY B 190 -2.13 30.73 4.45
C GLY B 190 -2.40 30.02 5.76
N LEU B 191 -1.65 30.41 6.78
CA LEU B 191 -1.74 29.82 8.11
C LEU B 191 -2.29 30.82 9.11
N VAL B 192 -2.93 30.30 10.16
CA VAL B 192 -3.22 31.12 11.31
C VAL B 192 -2.78 30.37 12.54
N ILE B 193 -2.01 31.03 13.41
CA ILE B 193 -1.71 30.48 14.72
C ILE B 193 -2.94 30.66 15.61
N GLY B 194 -3.61 29.56 15.96
CA GLY B 194 -4.85 29.62 16.73
C GLY B 194 -4.72 30.22 18.12
N SER B 195 -3.59 29.95 18.76
CA SER B 195 -3.33 30.45 20.10
C SER B 195 -1.86 30.83 20.23
N TRP B 196 -1.61 32.12 20.44
CA TRP B 196 -0.26 32.62 20.52
C TRP B 196 0.03 32.94 21.99
N PRO B 197 0.98 32.21 22.59
CA PRO B 197 1.17 32.26 24.04
C PRO B 197 1.74 33.58 24.53
N ASP B 198 1.57 33.82 25.84
CA ASP B 198 2.18 34.97 26.51
C ASP B 198 2.74 34.56 27.87
N PRO B 199 4.05 34.75 28.06
CA PRO B 199 4.94 35.24 27.00
C PRO B 199 5.30 34.09 26.05
N PRO B 200 5.74 34.39 24.83
CA PRO B 200 5.92 33.33 23.82
C PRO B 200 6.72 32.17 24.38
N GLY B 201 7.99 32.40 24.67
CA GLY B 201 8.87 31.32 25.09
C GLY B 201 9.74 30.92 23.91
N LEU B 202 10.78 30.14 24.18
CA LEU B 202 11.81 29.82 23.19
C LEU B 202 11.28 29.05 21.97
N VAL B 203 10.49 28.01 22.20
CA VAL B 203 10.01 27.18 21.10
C VAL B 203 8.99 27.95 20.23
N ALA B 204 8.02 28.57 20.89
CA ALA B 204 6.99 29.34 20.17
C ALA B 204 7.60 30.46 19.34
N ALA B 205 8.54 31.18 19.95
CA ALA B 205 9.24 32.27 19.28
C ALA B 205 9.91 31.79 18.00
N SER B 206 10.68 30.71 18.10
CA SER B 206 11.35 30.13 16.94
C SER B 206 10.35 29.60 15.91
N ASN B 207 9.31 28.94 16.38
CA ASN B 207 8.29 28.36 15.48
C ASN B 207 7.56 29.42 14.68
N ARG B 208 7.35 30.58 15.28
CA ARG B 208 6.69 31.63 14.55
C ARG B 208 7.51 32.06 13.33
N SER B 209 8.81 32.28 13.51
CA SER B 209 9.64 32.61 12.36
C SER B 209 9.81 31.43 11.39
N ALA B 210 9.89 30.20 11.91
CA ALA B 210 10.00 29.01 11.06
C ALA B 210 8.76 28.81 10.19
N LEU B 211 7.58 28.92 10.81
CA LEU B 211 6.33 28.87 10.06
C LEU B 211 6.26 29.94 8.96
N ALA B 212 6.75 31.13 9.26
CA ALA B 212 6.68 32.25 8.32
C ALA B 212 7.54 32.02 7.09
N ARG B 213 8.62 31.25 7.27
CA ARG B 213 9.44 30.78 6.17
C ARG B 213 8.68 29.79 5.29
N ILE B 214 7.91 28.90 5.91
CA ILE B 214 7.09 27.93 5.20
C ILE B 214 5.97 28.61 4.42
N ALA B 215 5.22 29.48 5.09
CA ALA B 215 4.03 30.08 4.47
C ALA B 215 3.68 31.41 5.12
N MET B 216 2.80 32.16 4.48
CA MET B 216 2.32 33.41 5.04
C MET B 216 1.47 33.16 6.29
N VAL B 217 1.79 33.85 7.38
CA VAL B 217 0.99 33.77 8.62
C VAL B 217 0.02 34.95 8.61
N ARG B 218 -1.27 34.64 8.42
CA ARG B 218 -2.30 35.66 8.22
C ARG B 218 -2.64 36.35 9.53
N ALA B 219 -2.51 35.60 10.62
CA ALA B 219 -2.83 36.08 11.95
C ALA B 219 -2.23 35.15 13.01
N ALA B 220 -1.94 35.70 14.17
CA ALA B 220 -1.60 34.93 15.35
C ALA B 220 -2.53 35.41 16.47
N LEU B 221 -3.50 34.57 16.81
CA LEU B 221 -4.55 34.95 17.74
C LEU B 221 -4.09 34.81 19.18
N PRO B 222 -4.12 35.93 19.93
CA PRO B 222 -3.62 35.91 21.29
C PRO B 222 -4.25 34.79 22.10
N ALA B 223 -3.45 34.10 22.90
CA ALA B 223 -3.97 33.08 23.81
C ALA B 223 -5.07 33.69 24.68
N GLY B 224 -6.20 32.99 24.78
CA GLY B 224 -7.33 33.43 25.60
C GLY B 224 -8.43 34.19 24.86
N ALA B 225 -8.21 34.41 23.55
CA ALA B 225 -9.15 35.19 22.75
C ALA B 225 -10.57 34.60 22.73
N ALA B 226 -10.69 33.28 22.90
CA ALA B 226 -11.99 32.60 22.86
C ALA B 226 -12.95 33.02 23.98
N SER B 227 -12.40 33.57 25.07
CA SER B 227 -13.19 34.01 26.23
C SER B 227 -13.57 35.49 26.23
N LEU B 228 -13.15 36.23 25.21
CA LEU B 228 -13.50 37.64 25.09
C LEU B 228 -15.00 37.82 24.78
N ASP B 229 -15.65 38.84 25.35
CA ASP B 229 -16.99 39.15 24.82
C ASP B 229 -16.91 39.84 23.46
N ALA B 230 -18.06 39.99 22.82
CA ALA B 230 -18.09 40.28 21.39
C ALA B 230 -17.39 41.58 21.02
N GLY B 231 -17.41 42.57 21.91
CA GLY B 231 -16.80 43.87 21.61
C GLY B 231 -15.27 43.79 21.62
N ASP B 232 -14.72 43.15 22.65
CA ASP B 232 -13.27 42.96 22.74
C ASP B 232 -12.81 42.03 21.62
N PHE B 233 -13.60 40.99 21.33
CA PHE B 233 -13.22 40.01 20.32
C PHE B 233 -13.14 40.69 18.96
N ALA B 234 -14.09 41.59 18.71
CA ALA B 234 -14.09 42.36 17.47
C ALA B 234 -12.82 43.21 17.32
N ALA B 235 -12.41 43.85 18.41
CA ALA B 235 -11.17 44.65 18.42
C ALA B 235 -9.93 43.79 18.17
N MET B 236 -9.81 42.68 18.90
CA MET B 236 -8.71 41.75 18.67
C MET B 236 -8.65 41.32 17.19
N SER B 237 -9.82 40.94 16.63
CA SER B 237 -9.92 40.41 15.28
C SER B 237 -9.51 41.40 14.19
N ALA B 238 -9.97 42.64 14.31
CA ALA B 238 -9.61 43.70 13.37
C ALA B 238 -8.11 43.95 13.37
N ALA B 239 -7.49 43.85 14.55
CA ALA B 239 -6.04 44.00 14.68
C ALA B 239 -5.28 42.78 14.16
N ALA B 240 -5.87 41.59 14.30
CA ALA B 240 -5.14 40.34 14.04
C ALA B 240 -4.84 40.09 12.56
N PHE B 241 -5.73 40.49 11.68
CA PHE B 241 -5.60 40.21 10.26
C PHE B 241 -5.20 41.47 9.50
N ASP B 242 -4.53 41.29 8.36
CA ASP B 242 -4.33 42.40 7.43
C ASP B 242 -5.62 42.64 6.65
N ARG B 243 -6.25 43.78 6.91
CA ARG B 243 -7.53 44.13 6.30
C ARG B 243 -7.48 44.15 4.77
N ASN B 244 -6.33 44.52 4.21
CA ASN B 244 -6.20 44.46 2.76
C ASN B 244 -6.19 43.04 2.21
N TRP B 245 -5.63 42.10 2.96
CA TRP B 245 -5.78 40.71 2.60
C TRP B 245 -7.24 40.26 2.70
N VAL B 246 -7.86 40.56 3.85
CA VAL B 246 -9.24 40.16 4.08
C VAL B 246 -10.18 40.72 3.01
N ALA B 247 -10.06 42.02 2.73
CA ALA B 247 -10.84 42.67 1.68
C ALA B 247 -10.65 42.00 0.32
N GLY B 248 -9.42 41.57 0.03
CA GLY B 248 -9.09 40.94 -1.25
C GLY B 248 -9.78 39.63 -1.54
N LEU B 249 -10.24 38.97 -0.47
CA LEU B 249 -10.88 37.66 -0.62
C LEU B 249 -12.16 37.74 -1.45
N VAL B 250 -12.84 38.88 -1.40
CA VAL B 250 -14.18 38.99 -1.96
C VAL B 250 -14.30 40.14 -2.97
N PHE C 22 -8.60 -8.16 14.15
CA PHE C 22 -9.97 -7.94 13.62
C PHE C 22 -10.88 -9.13 13.92
N GLN C 23 -12.06 -8.81 14.46
CA GLN C 23 -13.02 -9.81 14.88
C GLN C 23 -14.36 -9.49 14.23
N SER C 24 -14.96 -10.48 13.60
CA SER C 24 -16.31 -10.34 13.06
C SER C 24 -17.12 -11.52 13.55
N HIS C 25 -18.45 -11.40 13.52
CA HIS C 25 -19.30 -12.52 13.92
C HIS C 25 -19.44 -13.44 12.74
N MET C 26 -19.55 -12.83 11.56
CA MET C 26 -19.63 -13.57 10.32
C MET C 26 -18.30 -14.20 9.91
N THR C 27 -18.36 -15.25 9.08
CA THR C 27 -17.19 -15.77 8.44
C THR C 27 -16.96 -15.02 7.12
N ILE C 28 -15.70 -14.67 6.86
CA ILE C 28 -15.36 -13.93 5.65
C ILE C 28 -14.34 -14.74 4.86
N LEU C 29 -14.64 -14.99 3.59
CA LEU C 29 -13.74 -15.67 2.67
C LEU C 29 -13.45 -14.73 1.52
N VAL C 30 -12.18 -14.51 1.22
CA VAL C 30 -11.85 -13.83 -0.02
C VAL C 30 -11.74 -14.87 -1.14
N VAL C 31 -12.26 -14.51 -2.30
CA VAL C 31 -12.19 -15.38 -3.47
C VAL C 31 -11.25 -14.71 -4.44
N THR C 32 -10.05 -15.26 -4.57
CA THR C 32 -9.09 -14.74 -5.50
C THR C 32 -8.92 -15.73 -6.66
N GLY C 33 -8.03 -15.40 -7.60
CA GLY C 33 -7.77 -16.26 -8.73
C GLY C 33 -6.31 -16.23 -9.07
N THR C 34 -5.88 -17.19 -9.89
CA THR C 34 -4.50 -17.22 -10.36
C THR C 34 -4.27 -16.12 -11.41
N GLY C 35 -5.37 -15.54 -11.87
CA GLY C 35 -5.31 -14.52 -12.91
C GLY C 35 -6.68 -14.04 -13.34
N THR C 36 -6.73 -13.44 -14.52
CA THR C 36 -7.96 -12.94 -15.10
C THR C 36 -8.63 -14.08 -15.89
N GLY C 37 -9.97 -14.06 -15.93
CA GLY C 37 -10.72 -15.02 -16.74
C GLY C 37 -10.67 -16.46 -16.28
N VAL C 38 -10.43 -16.68 -14.98
CA VAL C 38 -10.42 -18.03 -14.42
C VAL C 38 -11.79 -18.47 -13.91
N GLY C 39 -12.74 -17.55 -13.89
CA GLY C 39 -14.11 -17.88 -13.46
C GLY C 39 -14.45 -17.51 -12.02
N LYS C 40 -13.89 -16.39 -11.52
CA LYS C 40 -14.08 -15.99 -10.12
C LYS C 40 -15.54 -15.67 -9.81
N THR C 41 -16.22 -15.02 -10.75
CA THR C 41 -17.63 -14.66 -10.57
C THR C 41 -18.55 -15.87 -10.44
N VAL C 42 -18.49 -16.81 -11.41
CA VAL C 42 -19.28 -18.05 -11.28
C VAL C 42 -18.94 -18.83 -10.03
N VAL C 43 -17.65 -18.86 -9.67
CA VAL C 43 -17.27 -19.56 -8.45
C VAL C 43 -17.90 -18.92 -7.18
N CYS C 44 -17.86 -17.60 -7.07
CA CYS C 44 -18.59 -16.93 -5.98
C CYS C 44 -20.08 -17.29 -6.01
N ALA C 45 -20.69 -17.24 -7.20
CA ALA C 45 -22.11 -17.58 -7.37
C ALA C 45 -22.43 -19.03 -6.98
N ALA C 46 -21.58 -19.96 -7.40
CA ALA C 46 -21.77 -21.37 -7.07
C ALA C 46 -21.62 -21.63 -5.56
N LEU C 47 -20.60 -21.05 -4.95
CA LEU C 47 -20.43 -21.20 -3.48
C LEU C 47 -21.58 -20.53 -2.70
N ALA C 48 -21.97 -19.33 -3.10
CA ALA C 48 -23.11 -18.67 -2.47
C ALA C 48 -24.35 -19.55 -2.57
N SER C 49 -24.60 -20.10 -3.75
CA SER C 49 -25.77 -20.96 -3.98
C SER C 49 -25.72 -22.23 -3.13
N ALA C 50 -24.56 -22.88 -3.09
CA ALA C 50 -24.37 -24.07 -2.27
C ALA C 50 -24.59 -23.73 -0.80
N ALA C 51 -24.13 -22.54 -0.39
CA ALA C 51 -24.26 -22.10 0.99
C ALA C 51 -25.69 -21.74 1.36
N ARG C 52 -26.42 -21.08 0.47
CA ARG C 52 -27.82 -20.77 0.81
C ARG C 52 -28.69 -22.03 0.87
N GLN C 53 -28.39 -23.01 0.02
CA GLN C 53 -29.08 -24.29 0.08
C GLN C 53 -28.80 -25.06 1.37
N ALA C 54 -27.71 -24.72 2.06
CA ALA C 54 -27.42 -25.25 3.38
C ALA C 54 -27.97 -24.34 4.51
N GLY C 55 -28.80 -23.36 4.14
CA GLY C 55 -29.47 -22.51 5.13
C GLY C 55 -28.65 -21.32 5.59
N ILE C 56 -27.55 -21.05 4.89
CA ILE C 56 -26.61 -20.03 5.32
C ILE C 56 -26.92 -18.71 4.63
N ASP C 57 -26.95 -17.64 5.41
CA ASP C 57 -27.13 -16.32 4.85
C ASP C 57 -25.81 -15.86 4.22
N VAL C 58 -25.84 -15.57 2.92
CA VAL C 58 -24.63 -15.21 2.19
C VAL C 58 -24.68 -13.78 1.67
N ALA C 59 -23.59 -13.05 1.88
CA ALA C 59 -23.40 -11.74 1.28
C ALA C 59 -22.23 -11.87 0.33
N VAL C 60 -22.29 -11.15 -0.79
CA VAL C 60 -21.16 -11.12 -1.71
C VAL C 60 -20.72 -9.68 -1.92
N CYS C 61 -19.41 -9.48 -1.83
CA CYS C 61 -18.83 -8.17 -1.84
C CYS C 61 -17.75 -8.06 -2.92
N LYS C 62 -17.92 -7.08 -3.79
CA LYS C 62 -16.95 -6.80 -4.85
C LYS C 62 -16.55 -5.33 -4.68
N PRO C 63 -15.56 -5.06 -3.82
CA PRO C 63 -15.21 -3.68 -3.47
C PRO C 63 -14.74 -2.84 -4.66
N VAL C 64 -14.03 -3.47 -5.59
CA VAL C 64 -13.52 -2.78 -6.78
C VAL C 64 -13.91 -3.53 -8.07
N GLN C 65 -14.75 -2.89 -8.89
CA GLN C 65 -15.18 -3.44 -10.17
C GLN C 65 -14.62 -2.63 -11.34
N THR C 66 -13.98 -3.29 -12.32
CA THR C 66 -13.68 -2.62 -13.58
C THR C 66 -14.44 -3.26 -14.74
N GLY C 67 -14.41 -2.60 -15.88
CA GLY C 67 -15.00 -3.13 -17.09
C GLY C 67 -16.47 -2.84 -17.35
N THR C 68 -17.04 -1.86 -16.66
CA THR C 68 -18.44 -1.48 -16.92
C THR C 68 -18.66 -1.05 -18.38
N ALA C 69 -17.62 -0.52 -19.02
CA ALA C 69 -17.68 -0.16 -20.45
C ALA C 69 -17.95 -1.35 -21.35
N ARG C 70 -17.55 -2.53 -20.88
CA ARG C 70 -17.71 -3.77 -21.61
C ARG C 70 -19.02 -4.48 -21.22
N GLY C 71 -19.72 -3.93 -20.22
CA GLY C 71 -20.97 -4.52 -19.73
C GLY C 71 -20.81 -5.35 -18.47
N ASP C 72 -19.58 -5.40 -17.95
CA ASP C 72 -19.26 -6.19 -16.75
C ASP C 72 -19.95 -5.69 -15.49
N ASP C 73 -20.61 -6.60 -14.78
CA ASP C 73 -21.11 -6.29 -13.44
C ASP C 73 -21.18 -7.61 -12.67
N ASP C 74 -20.14 -7.86 -11.87
CA ASP C 74 -20.00 -9.18 -11.25
C ASP C 74 -21.03 -9.43 -10.16
N LEU C 75 -21.33 -8.41 -9.37
CA LEU C 75 -22.38 -8.51 -8.36
C LEU C 75 -23.72 -8.84 -9.00
N ALA C 76 -24.07 -8.12 -10.08
CA ALA C 76 -25.34 -8.36 -10.77
C ALA C 76 -25.44 -9.79 -11.27
N GLU C 77 -24.33 -10.34 -11.75
CA GLU C 77 -24.29 -11.71 -12.25
C GLU C 77 -24.50 -12.76 -11.13
N VAL C 78 -23.85 -12.55 -9.99
CA VAL C 78 -24.00 -13.42 -8.81
C VAL C 78 -25.43 -13.40 -8.27
N GLY C 79 -26.02 -12.22 -8.21
CA GLY C 79 -27.43 -12.07 -7.85
C GLY C 79 -28.33 -12.90 -8.75
N ARG C 80 -28.09 -12.85 -10.06
CA ARG C 80 -28.92 -13.55 -11.02
C ARG C 80 -28.73 -15.07 -10.99
N LEU C 81 -27.48 -15.50 -10.86
CA LEU C 81 -27.16 -16.94 -10.88
C LEU C 81 -27.55 -17.64 -9.59
N ALA C 82 -27.21 -17.02 -8.46
CA ALA C 82 -27.26 -17.67 -7.17
C ALA C 82 -28.42 -17.14 -6.34
N GLY C 83 -28.94 -16.01 -6.76
CA GLY C 83 -30.04 -15.36 -6.07
C GLY C 83 -29.68 -14.77 -4.72
N VAL C 84 -28.42 -14.39 -4.54
CA VAL C 84 -28.09 -13.65 -3.32
C VAL C 84 -28.57 -12.22 -3.51
N THR C 85 -28.92 -11.57 -2.41
CA THR C 85 -29.50 -10.23 -2.49
C THR C 85 -28.64 -9.19 -1.78
N GLN C 86 -27.85 -9.65 -0.81
CA GLN C 86 -26.94 -8.74 -0.12
C GLN C 86 -25.66 -8.67 -0.96
N LEU C 87 -25.56 -7.61 -1.74
CA LEU C 87 -24.54 -7.46 -2.77
C LEU C 87 -23.90 -6.10 -2.53
N ALA C 88 -22.62 -6.09 -2.19
CA ALA C 88 -22.00 -4.86 -1.72
C ALA C 88 -20.84 -4.42 -2.62
N GLY C 89 -21.05 -3.30 -3.32
CA GLY C 89 -20.02 -2.72 -4.15
C GLY C 89 -19.55 -1.42 -3.56
N LEU C 90 -18.47 -0.89 -4.11
CA LEU C 90 -18.00 0.42 -3.74
C LEU C 90 -17.50 1.18 -4.98
N ALA C 91 -16.31 0.83 -5.46
CA ALA C 91 -15.72 1.50 -6.62
C ALA C 91 -16.01 0.74 -7.90
N ARG C 92 -16.45 1.47 -8.92
CA ARG C 92 -16.71 0.92 -10.25
C ARG C 92 -16.07 1.82 -11.31
N TYR C 93 -15.32 1.22 -12.24
CA TYR C 93 -14.67 1.97 -13.33
C TYR C 93 -15.03 1.36 -14.68
N PRO C 94 -15.16 2.22 -15.71
CA PRO C 94 -15.55 1.79 -17.06
C PRO C 94 -14.61 0.81 -17.77
N GLN C 95 -13.33 1.14 -17.90
CA GLN C 95 -12.48 0.32 -18.74
C GLN C 95 -12.06 -0.99 -18.10
N PRO C 96 -12.06 -2.07 -18.88
CA PRO C 96 -11.73 -3.41 -18.37
C PRO C 96 -10.21 -3.58 -18.23
N MET C 97 -9.66 -2.86 -17.26
CA MET C 97 -8.23 -2.78 -17.04
C MET C 97 -7.96 -3.00 -15.56
N ALA C 98 -6.68 -3.01 -15.20
CA ALA C 98 -6.32 -2.94 -13.79
C ALA C 98 -7.00 -1.72 -13.18
N PRO C 99 -7.53 -1.86 -11.95
CA PRO C 99 -8.17 -0.74 -11.25
C PRO C 99 -7.40 0.58 -11.34
N ALA C 100 -6.11 0.58 -11.00
CA ALA C 100 -5.30 1.80 -11.08
C ALA C 100 -5.38 2.50 -12.46
N ALA C 101 -5.22 1.73 -13.53
CA ALA C 101 -5.32 2.23 -14.90
C ALA C 101 -6.74 2.65 -15.25
N ALA C 102 -7.71 1.84 -14.83
CA ALA C 102 -9.12 2.16 -15.09
C ALA C 102 -9.51 3.45 -14.34
N ALA C 103 -9.12 3.57 -13.08
CA ALA C 103 -9.33 4.79 -12.32
C ALA C 103 -8.68 6.00 -13.01
N GLU C 104 -7.46 5.82 -13.48
CA GLU C 104 -6.79 6.93 -14.16
C GLU C 104 -7.49 7.34 -15.45
N HIS C 105 -7.82 6.37 -16.28
CA HIS C 105 -8.53 6.65 -17.53
C HIS C 105 -9.80 7.44 -17.24
N ALA C 106 -10.49 7.07 -16.15
CA ALA C 106 -11.78 7.68 -15.81
C ALA C 106 -11.67 9.04 -15.10
N GLY C 107 -10.44 9.42 -14.74
CA GLY C 107 -10.20 10.63 -13.97
C GLY C 107 -10.68 10.49 -12.54
N MET C 108 -10.53 9.28 -12.00
CA MET C 108 -11.04 8.94 -10.68
C MET C 108 -9.91 8.40 -9.81
N ALA C 109 -10.16 8.30 -8.52
CA ALA C 109 -9.20 7.74 -7.58
C ALA C 109 -9.63 6.32 -7.24
N LEU C 110 -8.67 5.49 -6.84
CA LEU C 110 -8.97 4.22 -6.20
C LEU C 110 -9.59 4.52 -4.85
N PRO C 111 -10.39 3.57 -4.31
CA PRO C 111 -10.92 3.79 -2.97
C PRO C 111 -9.81 3.72 -1.93
N ALA C 112 -10.04 4.26 -0.75
CA ALA C 112 -9.07 4.11 0.32
C ALA C 112 -9.13 2.69 0.89
N ARG C 113 -8.01 2.19 1.37
CA ARG C 113 -7.99 0.91 2.07
C ARG C 113 -9.05 0.81 3.17
N ASP C 114 -9.22 1.85 3.98
CA ASP C 114 -10.13 1.73 5.12
C ASP C 114 -11.62 1.70 4.70
N GLN C 115 -11.91 2.21 3.49
CA GLN C 115 -13.27 2.17 2.97
C GLN C 115 -13.61 0.78 2.42
N ILE C 116 -12.62 0.13 1.83
CA ILE C 116 -12.79 -1.26 1.41
C ILE C 116 -13.07 -2.13 2.62
N VAL C 117 -12.25 -1.98 3.67
CA VAL C 117 -12.41 -2.77 4.89
C VAL C 117 -13.75 -2.49 5.57
N ARG C 118 -14.08 -1.23 5.69
CA ARG C 118 -15.35 -0.79 6.30
C ARG C 118 -16.57 -1.32 5.55
N LEU C 119 -16.49 -1.32 4.22
CA LEU C 119 -17.52 -1.88 3.36
C LEU C 119 -17.81 -3.33 3.74
N ILE C 120 -16.73 -4.09 3.92
CA ILE C 120 -16.82 -5.49 4.26
C ILE C 120 -17.37 -5.63 5.68
N ALA C 121 -16.76 -4.88 6.61
CA ALA C 121 -17.11 -4.96 8.02
C ALA C 121 -18.55 -4.56 8.31
N ASP C 122 -19.10 -3.65 7.49
CA ASP C 122 -20.48 -3.20 7.69
C ASP C 122 -21.48 -4.30 7.40
N LEU C 123 -21.01 -5.36 6.73
CA LEU C 123 -21.88 -6.50 6.39
C LEU C 123 -22.09 -7.44 7.56
N ASP C 124 -21.37 -7.20 8.66
CA ASP C 124 -21.29 -8.18 9.73
C ASP C 124 -22.61 -8.54 10.38
N ARG C 125 -22.76 -9.83 10.64
CA ARG C 125 -24.00 -10.41 11.11
C ARG C 125 -23.71 -11.83 11.56
N PRO C 126 -24.13 -12.19 12.78
CA PRO C 126 -24.10 -13.57 13.27
C PRO C 126 -24.68 -14.56 12.27
N GLY C 127 -23.96 -15.65 12.01
CA GLY C 127 -24.44 -16.68 11.11
C GLY C 127 -24.03 -16.49 9.65
N ARG C 128 -23.57 -15.29 9.31
CA ARG C 128 -23.33 -14.98 7.89
C ARG C 128 -22.00 -15.48 7.28
N LEU C 129 -22.04 -15.74 5.98
CA LEU C 129 -20.85 -15.98 5.18
C LEU C 129 -20.75 -14.85 4.16
N THR C 130 -19.65 -14.12 4.20
CA THR C 130 -19.40 -13.07 3.23
C THR C 130 -18.28 -13.51 2.30
N LEU C 131 -18.54 -13.48 0.99
CA LEU C 131 -17.53 -13.73 -0.02
C LEU C 131 -17.06 -12.40 -0.58
N VAL C 132 -15.74 -12.17 -0.53
CA VAL C 132 -15.14 -10.96 -1.07
C VAL C 132 -14.48 -11.32 -2.40
N GLU C 133 -15.02 -10.81 -3.52
CA GLU C 133 -14.45 -11.11 -4.83
C GLU C 133 -13.43 -10.05 -5.22
N GLY C 134 -12.21 -10.51 -5.55
CA GLY C 134 -11.17 -9.62 -6.02
C GLY C 134 -11.33 -9.19 -7.45
N ALA C 135 -10.43 -8.33 -7.92
CA ALA C 135 -10.38 -7.94 -9.32
C ALA C 135 -9.08 -8.51 -9.87
N GLY C 136 -9.16 -9.39 -10.86
CA GLY C 136 -7.97 -10.11 -11.34
C GLY C 136 -7.40 -11.03 -10.27
N GLY C 137 -6.07 -11.16 -10.28
CA GLY C 137 -5.35 -12.06 -9.39
C GLY C 137 -5.04 -11.43 -8.03
N LEU C 138 -4.33 -12.19 -7.21
CA LEU C 138 -4.08 -11.82 -5.82
C LEU C 138 -3.41 -10.45 -5.57
N LEU C 139 -2.43 -10.10 -6.40
CA LEU C 139 -1.58 -8.95 -6.11
C LEU C 139 -1.92 -7.72 -6.93
N VAL C 140 -3.10 -7.71 -7.54
CA VAL C 140 -3.62 -6.52 -8.20
C VAL C 140 -3.87 -5.39 -7.17
N GLU C 141 -3.47 -4.18 -7.51
CA GLU C 141 -3.70 -3.04 -6.64
C GLU C 141 -5.18 -2.66 -6.61
N LEU C 142 -5.78 -2.69 -5.43
CA LEU C 142 -7.16 -2.33 -5.23
C LEU C 142 -7.25 -0.93 -4.59
N ALA C 143 -6.25 -0.60 -3.77
CA ALA C 143 -6.20 0.69 -3.09
C ALA C 143 -4.75 1.14 -2.98
N GLU C 144 -4.53 2.45 -2.88
CA GLU C 144 -3.17 2.98 -2.79
C GLU C 144 -2.63 2.86 -1.36
N PRO C 145 -1.31 2.69 -1.21
CA PRO C 145 -0.31 2.46 -2.24
C PRO C 145 0.05 0.98 -2.37
N GLY C 146 -0.43 0.34 -3.44
CA GLY C 146 -0.14 -1.07 -3.68
C GLY C 146 -0.86 -2.00 -2.73
N VAL C 147 -2.01 -1.55 -2.21
CA VAL C 147 -2.80 -2.37 -1.31
C VAL C 147 -3.56 -3.44 -2.11
N THR C 148 -3.42 -4.70 -1.74
CA THR C 148 -4.03 -5.77 -2.51
C THR C 148 -5.13 -6.55 -1.76
N LEU C 149 -5.76 -7.50 -2.45
CA LEU C 149 -6.70 -8.44 -1.83
C LEU C 149 -6.03 -9.22 -0.69
N ARG C 150 -4.73 -9.49 -0.84
CA ARG C 150 -3.96 -10.17 0.21
C ARG C 150 -3.92 -9.34 1.51
N ASP C 151 -3.74 -8.03 1.38
CA ASP C 151 -3.73 -7.15 2.54
C ASP C 151 -5.10 -7.12 3.20
N VAL C 152 -6.13 -6.97 2.35
CA VAL C 152 -7.52 -6.94 2.78
C VAL C 152 -7.90 -8.21 3.55
N ALA C 153 -7.51 -9.37 3.00
CA ALA C 153 -7.72 -10.65 3.67
C ALA C 153 -7.18 -10.60 5.10
N VAL C 154 -6.00 -10.02 5.27
CA VAL C 154 -5.43 -9.91 6.62
C VAL C 154 -6.20 -8.90 7.47
N ASP C 155 -6.58 -7.76 6.88
CA ASP C 155 -7.30 -6.72 7.62
C ASP C 155 -8.56 -7.29 8.26
N VAL C 156 -9.23 -8.20 7.56
CA VAL C 156 -10.51 -8.72 8.04
C VAL C 156 -10.47 -10.20 8.44
N ALA C 157 -9.26 -10.73 8.65
CA ALA C 157 -9.09 -12.09 9.13
C ALA C 157 -9.81 -13.13 8.29
N ALA C 158 -9.70 -13.01 6.98
CA ALA C 158 -10.36 -13.92 6.04
C ALA C 158 -9.36 -14.91 5.45
N ALA C 159 -9.79 -16.14 5.26
CA ALA C 159 -9.00 -17.11 4.49
C ALA C 159 -9.21 -16.81 3.00
N ALA C 160 -8.41 -17.43 2.15
CA ALA C 160 -8.51 -17.24 0.71
C ALA C 160 -8.86 -18.51 -0.04
N LEU C 161 -9.93 -18.43 -0.84
CA LEU C 161 -10.28 -19.47 -1.80
C LEU C 161 -9.65 -19.14 -3.16
N VAL C 162 -8.99 -20.10 -3.79
CA VAL C 162 -8.22 -19.82 -5.01
C VAL C 162 -8.80 -20.48 -6.27
N VAL C 163 -9.32 -19.67 -7.19
CA VAL C 163 -9.87 -20.17 -8.46
C VAL C 163 -8.76 -20.34 -9.49
N VAL C 164 -8.73 -21.52 -10.14
CA VAL C 164 -7.67 -21.88 -11.07
C VAL C 164 -8.29 -22.36 -12.38
N THR C 165 -7.46 -22.45 -13.43
CA THR C 165 -7.85 -23.14 -14.65
C THR C 165 -7.24 -24.54 -14.61
N ALA C 166 -7.64 -25.39 -15.54
CA ALA C 166 -7.01 -26.70 -15.70
C ALA C 166 -6.02 -26.65 -16.87
N ASP C 167 -5.75 -25.44 -17.34
CA ASP C 167 -4.94 -25.21 -18.52
C ASP C 167 -3.44 -25.30 -18.26
N LEU C 168 -2.68 -25.57 -19.32
CA LEU C 168 -1.22 -25.47 -19.32
C LEU C 168 -0.85 -24.12 -18.74
N GLY C 169 0.06 -24.13 -17.77
CA GLY C 169 0.49 -22.90 -17.10
C GLY C 169 -0.08 -22.77 -15.71
N THR C 170 -1.10 -23.55 -15.40
CA THR C 170 -1.80 -23.42 -14.11
C THR C 170 -0.97 -23.80 -12.90
N LEU C 171 -0.12 -24.81 -13.05
CA LEU C 171 0.72 -25.25 -11.92
C LEU C 171 1.64 -24.15 -11.39
N ASN C 172 2.32 -23.47 -12.30
CA ASN C 172 3.15 -22.35 -11.92
C ASN C 172 2.33 -21.26 -11.24
N HIS C 173 1.25 -20.86 -11.87
CA HIS C 173 0.42 -19.76 -11.36
C HIS C 173 -0.20 -20.06 -10.00
N THR C 174 -0.67 -21.28 -9.79
CA THR C 174 -1.22 -21.61 -8.48
C THR C 174 -0.16 -21.76 -7.40
N LYS C 175 1.01 -22.28 -7.75
CA LYS C 175 2.11 -22.31 -6.78
C LYS C 175 2.57 -20.91 -6.38
N LEU C 176 2.65 -20.00 -7.34
CA LEU C 176 3.04 -18.64 -7.03
C LEU C 176 2.00 -17.95 -6.14
N THR C 177 0.73 -18.17 -6.44
CA THR C 177 -0.35 -17.60 -5.66
C THR C 177 -0.35 -18.16 -4.22
N LEU C 178 -0.18 -19.47 -4.09
CA LEU C 178 -0.09 -20.12 -2.78
C LEU C 178 1.11 -19.65 -1.93
N GLU C 179 2.24 -19.39 -2.59
CA GLU C 179 3.40 -18.82 -1.90
C GLU C 179 3.13 -17.41 -1.40
N ALA C 180 2.54 -16.59 -2.25
CA ALA C 180 2.20 -15.23 -1.85
C ALA C 180 1.22 -15.21 -0.67
N LEU C 181 0.25 -16.13 -0.66
CA LEU C 181 -0.69 -16.25 0.46
C LEU C 181 0.08 -16.60 1.76
N ALA C 182 0.88 -17.65 1.70
CA ALA C 182 1.68 -18.08 2.84
C ALA C 182 2.64 -17.01 3.36
N ALA C 183 3.14 -16.18 2.46
CA ALA C 183 4.10 -15.14 2.84
C ALA C 183 3.54 -14.15 3.89
N GLN C 184 2.22 -14.01 3.95
CA GLN C 184 1.59 -13.11 4.91
C GLN C 184 0.64 -13.86 5.84
N GLN C 185 0.91 -15.15 6.04
CA GLN C 185 0.04 -16.06 6.78
C GLN C 185 -1.47 -15.89 6.50
N VAL C 186 -1.82 -15.84 5.21
CA VAL C 186 -3.21 -15.91 4.79
C VAL C 186 -3.55 -17.36 4.53
N SER C 187 -4.43 -17.89 5.39
CA SER C 187 -4.85 -19.28 5.29
C SER C 187 -5.51 -19.59 3.95
N ALA C 189 -8.12 -21.85 1.91
CA ALA C 189 -9.34 -22.58 2.04
C ALA C 189 -9.46 -23.61 0.90
N GLY C 190 -8.51 -23.59 -0.02
CA GLY C 190 -8.48 -24.56 -1.12
C GLY C 190 -8.59 -23.97 -2.51
N LEU C 191 -8.77 -24.83 -3.50
CA LEU C 191 -8.80 -24.43 -4.90
C LEU C 191 -10.16 -24.73 -5.49
N VAL C 192 -10.57 -23.95 -6.48
CA VAL C 192 -11.71 -24.34 -7.30
C VAL C 192 -11.27 -24.20 -8.76
N ILE C 193 -11.49 -25.24 -9.56
CA ILE C 193 -11.30 -25.13 -10.99
C ILE C 193 -12.55 -24.45 -11.56
N GLY C 194 -12.36 -23.24 -12.09
CA GLY C 194 -13.48 -22.41 -12.53
C GLY C 194 -14.24 -22.99 -13.71
N SER C 195 -13.54 -23.72 -14.55
CA SER C 195 -14.13 -24.32 -15.76
C SER C 195 -13.53 -25.69 -16.06
N TRP C 196 -14.35 -26.73 -15.92
CA TRP C 196 -13.89 -28.09 -16.16
C TRP C 196 -14.59 -28.72 -17.36
N PRO C 197 -13.82 -29.09 -18.40
CA PRO C 197 -14.39 -29.71 -19.60
C PRO C 197 -14.69 -31.21 -19.45
N ASP C 198 -15.82 -31.67 -19.98
CA ASP C 198 -16.07 -33.10 -20.17
C ASP C 198 -15.74 -33.38 -21.63
N PRO C 199 -15.22 -34.58 -21.92
CA PRO C 199 -13.86 -34.68 -22.38
C PRO C 199 -12.80 -33.64 -22.03
N PRO C 200 -12.15 -33.91 -20.88
CA PRO C 200 -10.90 -33.38 -20.36
C PRO C 200 -9.77 -33.96 -21.21
N GLY C 201 -8.94 -33.10 -21.78
CA GLY C 201 -7.80 -33.60 -22.55
C GLY C 201 -6.74 -34.16 -21.64
N LEU C 202 -5.62 -34.56 -22.22
CA LEU C 202 -4.46 -35.01 -21.45
C LEU C 202 -3.96 -33.94 -20.46
N VAL C 203 -3.85 -32.70 -20.94
CA VAL C 203 -3.31 -31.65 -20.09
C VAL C 203 -4.24 -31.41 -18.89
N ALA C 204 -5.51 -31.14 -19.17
CA ALA C 204 -6.49 -30.84 -18.12
C ALA C 204 -6.58 -32.00 -17.13
N ALA C 205 -6.64 -33.22 -17.64
CA ALA C 205 -6.69 -34.40 -16.78
C ALA C 205 -5.49 -34.47 -15.83
N SER C 206 -4.27 -34.32 -16.34
CA SER C 206 -3.11 -34.43 -15.43
C SER C 206 -2.98 -33.20 -14.53
N ASN C 207 -3.37 -32.03 -15.03
CA ASN C 207 -3.41 -30.84 -14.21
C ASN C 207 -4.32 -30.97 -12.99
N ARG C 208 -5.49 -31.56 -13.18
CA ARG C 208 -6.39 -31.77 -12.05
C ARG C 208 -5.74 -32.70 -11.01
N SER C 209 -5.08 -33.77 -11.46
CA SER C 209 -4.36 -34.66 -10.54
C SER C 209 -3.23 -33.92 -9.84
N ALA C 210 -2.47 -33.14 -10.60
CA ALA C 210 -1.37 -32.35 -10.01
C ALA C 210 -1.90 -31.30 -9.02
N LEU C 211 -2.99 -30.64 -9.36
CA LEU C 211 -3.55 -29.64 -8.44
C LEU C 211 -4.01 -30.26 -7.11
N ALA C 212 -4.63 -31.44 -7.19
CA ALA C 212 -5.13 -32.11 -5.99
C ALA C 212 -4.00 -32.53 -5.07
N ARG C 213 -2.79 -32.64 -5.62
CA ARG C 213 -1.59 -32.99 -4.85
C ARG C 213 -1.01 -31.77 -4.12
N ILE C 214 -1.31 -30.59 -4.64
CA ILE C 214 -0.87 -29.33 -4.05
C ILE C 214 -1.82 -28.89 -2.94
N ALA C 215 -3.12 -28.95 -3.21
CA ALA C 215 -4.13 -28.50 -2.26
C ALA C 215 -5.44 -29.23 -2.48
N MET C 216 -6.37 -29.08 -1.54
CA MET C 216 -7.72 -29.59 -1.70
C MET C 216 -8.44 -28.88 -2.85
N VAL C 217 -8.99 -29.66 -3.77
CA VAL C 217 -9.85 -29.14 -4.84
C VAL C 217 -11.31 -29.20 -4.40
N ARG C 218 -11.83 -28.04 -3.99
CA ARG C 218 -13.17 -27.97 -3.41
C ARG C 218 -14.27 -28.22 -4.44
N ALA C 219 -14.03 -27.79 -5.68
CA ALA C 219 -14.98 -28.02 -6.76
C ALA C 219 -14.28 -27.88 -8.11
N ALA C 220 -14.88 -28.49 -9.13
CA ALA C 220 -14.50 -28.27 -10.51
C ALA C 220 -15.80 -27.98 -11.23
N LEU C 221 -16.06 -26.70 -11.49
CA LEU C 221 -17.34 -26.31 -12.08
C LEU C 221 -17.38 -26.73 -13.53
N PRO C 222 -18.43 -27.47 -13.93
CA PRO C 222 -18.63 -27.83 -15.33
C PRO C 222 -18.59 -26.59 -16.23
N ALA C 223 -17.86 -26.71 -17.34
CA ALA C 223 -17.84 -25.65 -18.34
C ALA C 223 -19.27 -25.32 -18.79
N GLY C 224 -19.55 -24.04 -19.02
CA GLY C 224 -20.90 -23.62 -19.38
C GLY C 224 -21.80 -23.27 -18.20
N ALA C 225 -21.28 -23.49 -16.99
CA ALA C 225 -22.02 -23.19 -15.75
C ALA C 225 -22.62 -21.79 -15.70
N ALA C 226 -21.91 -20.79 -16.23
CA ALA C 226 -22.38 -19.40 -16.17
C ALA C 226 -23.61 -19.11 -17.02
N SER C 227 -23.92 -19.99 -17.98
CA SER C 227 -25.08 -19.78 -18.85
C SER C 227 -26.32 -20.58 -18.40
N LEU C 228 -26.21 -21.26 -17.25
CA LEU C 228 -27.34 -21.93 -16.63
C LEU C 228 -28.31 -20.94 -15.97
N ASP C 229 -29.60 -21.27 -16.00
CA ASP C 229 -30.60 -20.46 -15.31
C ASP C 229 -30.64 -20.87 -13.84
N ALA C 230 -31.39 -20.14 -13.03
CA ALA C 230 -31.30 -20.25 -11.56
C ALA C 230 -31.46 -21.66 -10.99
N GLY C 231 -32.48 -22.37 -11.45
CA GLY C 231 -32.74 -23.72 -10.96
C GLY C 231 -31.62 -24.70 -11.28
N ASP C 232 -31.24 -24.76 -12.55
CA ASP C 232 -30.14 -25.63 -12.97
C ASP C 232 -28.82 -25.20 -12.28
N PHE C 233 -28.62 -23.89 -12.13
CA PHE C 233 -27.42 -23.38 -11.47
C PHE C 233 -27.31 -23.85 -10.02
N ALA C 234 -28.44 -23.80 -9.30
CA ALA C 234 -28.50 -24.29 -7.90
C ALA C 234 -28.18 -25.79 -7.79
N ALA C 235 -28.73 -26.60 -8.70
CA ALA C 235 -28.44 -28.03 -8.75
C ALA C 235 -26.97 -28.31 -9.05
N MET C 236 -26.43 -27.59 -10.04
CA MET C 236 -25.01 -27.68 -10.37
C MET C 236 -24.13 -27.37 -9.13
N SER C 237 -24.45 -26.27 -8.45
CA SER C 237 -23.65 -25.77 -7.32
C SER C 237 -23.66 -26.71 -6.11
N ALA C 238 -24.85 -27.28 -5.85
CA ALA C 238 -25.02 -28.22 -4.76
C ALA C 238 -24.26 -29.52 -5.02
N ALA C 239 -24.18 -29.91 -6.30
CA ALA C 239 -23.44 -31.09 -6.70
C ALA C 239 -21.92 -30.86 -6.77
N ALA C 240 -21.51 -29.63 -7.08
CA ALA C 240 -20.08 -29.32 -7.30
C ALA C 240 -19.27 -29.21 -6.01
N PHE C 241 -19.89 -28.69 -4.96
CA PHE C 241 -19.22 -28.56 -3.68
C PHE C 241 -19.67 -29.68 -2.75
N ASP C 242 -18.77 -30.11 -1.86
CA ASP C 242 -19.16 -31.01 -0.78
C ASP C 242 -19.98 -30.20 0.24
N ARG C 243 -21.24 -30.60 0.46
CA ARG C 243 -22.13 -29.86 1.36
C ARG C 243 -21.55 -29.70 2.78
N ASN C 244 -20.90 -30.75 3.27
CA ASN C 244 -20.29 -30.72 4.60
C ASN C 244 -19.18 -29.66 4.72
N TRP C 245 -18.36 -29.53 3.69
CA TRP C 245 -17.34 -28.46 3.70
C TRP C 245 -18.02 -27.08 3.67
N VAL C 246 -18.97 -26.87 2.77
CA VAL C 246 -19.68 -25.61 2.67
C VAL C 246 -20.39 -25.25 3.98
N ALA C 247 -21.23 -26.16 4.47
CA ALA C 247 -22.01 -25.92 5.70
C ALA C 247 -21.08 -25.60 6.87
N GLY C 248 -19.87 -26.15 6.80
CA GLY C 248 -18.92 -26.02 7.89
C GLY C 248 -18.10 -24.75 7.86
N LEU C 249 -18.27 -23.94 6.81
CA LEU C 249 -17.50 -22.70 6.70
C LEU C 249 -17.87 -21.72 7.79
N VAL C 250 -19.10 -21.83 8.28
CA VAL C 250 -19.59 -20.88 9.28
C VAL C 250 -19.48 -21.34 10.77
N GLY C 251 -18.81 -22.46 11.02
CA GLY C 251 -18.26 -22.70 12.37
C GLY C 251 -19.21 -23.16 13.46
N THR D 27 27.32 -13.09 -15.35
CA THR D 27 27.73 -14.16 -16.32
C THR D 27 26.72 -15.31 -16.46
N ILE D 28 26.02 -15.70 -15.39
CA ILE D 28 24.86 -16.60 -15.59
C ILE D 28 23.51 -15.92 -15.35
N LEU D 29 22.66 -15.95 -16.36
CA LEU D 29 21.35 -15.36 -16.25
C LEU D 29 20.29 -16.40 -16.54
N VAL D 30 19.44 -16.73 -15.57
CA VAL D 30 18.30 -17.59 -15.89
C VAL D 30 17.24 -16.71 -16.55
N VAL D 31 16.66 -17.21 -17.63
CA VAL D 31 15.60 -16.50 -18.31
C VAL D 31 14.28 -17.22 -18.04
N THR D 32 13.51 -16.66 -17.12
CA THR D 32 12.23 -17.20 -16.77
C THR D 32 11.13 -16.33 -17.38
N GLY D 33 9.88 -16.68 -17.09
CA GLY D 33 8.73 -15.97 -17.62
C GLY D 33 7.60 -15.98 -16.62
N THR D 34 6.65 -15.07 -16.80
CA THR D 34 5.50 -14.96 -15.90
C THR D 34 4.52 -16.11 -16.16
N GLY D 35 4.70 -16.76 -17.30
CA GLY D 35 3.88 -17.89 -17.65
C GLY D 35 4.33 -18.57 -18.93
N THR D 36 3.38 -19.22 -19.58
CA THR D 36 3.61 -20.04 -20.74
C THR D 36 3.28 -19.21 -21.99
N GLY D 37 4.01 -19.45 -23.08
CA GLY D 37 3.77 -18.75 -24.35
C GLY D 37 4.05 -17.26 -24.31
N VAL D 38 5.04 -16.87 -23.52
CA VAL D 38 5.37 -15.47 -23.23
C VAL D 38 6.48 -14.95 -24.17
N GLY D 39 7.06 -15.86 -24.95
CA GLY D 39 8.09 -15.51 -25.92
C GLY D 39 9.50 -15.62 -25.37
N LYS D 40 9.70 -16.58 -24.47
CA LYS D 40 10.97 -16.73 -23.77
C LYS D 40 12.14 -17.06 -24.72
N THR D 41 11.89 -17.98 -25.65
CA THR D 41 12.94 -18.44 -26.58
C THR D 41 13.48 -17.31 -27.45
N VAL D 42 12.57 -16.52 -28.02
CA VAL D 42 12.94 -15.36 -28.84
C VAL D 42 13.71 -14.30 -28.02
N VAL D 43 13.35 -14.16 -26.76
CA VAL D 43 14.07 -13.26 -25.88
C VAL D 43 15.51 -13.75 -25.65
N CYS D 44 15.70 -15.05 -25.43
CA CYS D 44 17.08 -15.59 -25.30
C CYS D 44 17.91 -15.30 -26.53
N ALA D 45 17.30 -15.53 -27.68
CA ALA D 45 17.92 -15.28 -28.96
C ALA D 45 18.24 -13.80 -29.15
N ALA D 46 17.28 -12.94 -28.82
CA ALA D 46 17.45 -11.51 -29.03
C ALA D 46 18.53 -10.98 -28.10
N LEU D 47 18.52 -11.42 -26.84
CA LEU D 47 19.58 -11.04 -25.92
C LEU D 47 20.92 -11.61 -26.40
N ALA D 48 20.93 -12.88 -26.81
CA ALA D 48 22.16 -13.49 -27.32
C ALA D 48 22.70 -12.76 -28.56
N SER D 49 21.80 -12.29 -29.42
CA SER D 49 22.20 -11.49 -30.57
C SER D 49 22.80 -10.15 -30.14
N ALA D 50 22.08 -9.44 -29.27
CA ALA D 50 22.58 -8.19 -28.72
C ALA D 50 23.93 -8.39 -28.01
N ALA D 51 24.10 -9.52 -27.33
CA ALA D 51 25.38 -9.80 -26.65
C ALA D 51 26.54 -9.96 -27.64
N ARG D 52 26.33 -10.75 -28.69
CA ARG D 52 27.36 -10.96 -29.71
C ARG D 52 27.79 -9.62 -30.33
N GLN D 53 26.80 -8.80 -30.67
CA GLN D 53 27.07 -7.53 -31.34
C GLN D 53 27.79 -6.55 -30.41
N ALA D 54 27.74 -6.85 -29.12
CA ALA D 54 28.40 -6.06 -28.11
C ALA D 54 29.81 -6.60 -27.82
N GLY D 55 30.23 -7.58 -28.63
CA GLY D 55 31.54 -8.21 -28.46
C GLY D 55 31.64 -9.14 -27.26
N ILE D 56 30.52 -9.77 -26.92
CA ILE D 56 30.45 -10.69 -25.79
C ILE D 56 30.21 -12.10 -26.31
N ASP D 57 30.85 -13.10 -25.69
CA ASP D 57 30.55 -14.51 -25.96
C ASP D 57 29.29 -14.91 -25.19
N VAL D 58 28.45 -15.73 -25.80
CA VAL D 58 27.18 -16.13 -25.24
C VAL D 58 26.99 -17.63 -25.42
N ALA D 59 26.49 -18.29 -24.39
CA ALA D 59 25.94 -19.63 -24.50
C ALA D 59 24.46 -19.62 -24.06
N VAL D 60 23.65 -20.46 -24.70
CA VAL D 60 22.23 -20.58 -24.32
C VAL D 60 21.96 -22.03 -24.00
N CYS D 61 21.44 -22.26 -22.79
CA CYS D 61 21.18 -23.60 -22.28
C CYS D 61 19.69 -23.76 -21.94
N LYS D 62 19.04 -24.74 -22.56
CA LYS D 62 17.71 -25.14 -22.11
C LYS D 62 17.75 -26.59 -21.69
N PRO D 63 17.94 -26.81 -20.38
CA PRO D 63 18.15 -28.15 -19.84
C PRO D 63 17.02 -29.08 -20.23
N VAL D 64 15.79 -28.58 -20.09
CA VAL D 64 14.60 -29.40 -20.31
C VAL D 64 13.61 -28.70 -21.22
N GLN D 65 13.21 -29.40 -22.27
CA GLN D 65 12.19 -28.93 -23.20
C GLN D 65 11.05 -29.95 -23.30
N THR D 66 9.82 -29.46 -23.48
CA THR D 66 8.70 -30.32 -23.83
C THR D 66 8.03 -29.78 -25.10
N GLY D 67 7.14 -30.55 -25.72
CA GLY D 67 6.44 -30.10 -26.93
C GLY D 67 7.30 -30.23 -28.18
N THR D 68 8.27 -31.13 -28.14
CA THR D 68 9.15 -31.39 -29.28
C THR D 68 8.50 -32.33 -30.28
N ASP D 73 12.41 -27.98 -31.24
CA ASP D 73 13.60 -27.72 -30.42
C ASP D 73 13.91 -26.22 -30.37
N ASP D 74 13.77 -25.65 -29.17
CA ASP D 74 13.95 -24.22 -28.91
C ASP D 74 15.37 -23.72 -29.15
N LEU D 75 16.35 -24.57 -28.84
CA LEU D 75 17.75 -24.22 -29.03
C LEU D 75 18.09 -24.06 -30.51
N ALA D 76 17.47 -24.88 -31.36
CA ALA D 76 17.65 -24.77 -32.80
C ALA D 76 17.17 -23.41 -33.28
N GLU D 77 16.07 -22.94 -32.68
CA GLU D 77 15.49 -21.65 -33.02
C GLU D 77 16.43 -20.52 -32.65
N VAL D 78 17.07 -20.66 -31.49
CA VAL D 78 18.02 -19.66 -31.01
C VAL D 78 19.26 -19.64 -31.92
N GLY D 79 19.74 -20.82 -32.32
CA GLY D 79 20.85 -20.92 -33.27
C GLY D 79 20.55 -20.25 -34.61
N ARG D 80 19.37 -20.51 -35.16
CA ARG D 80 18.92 -19.90 -36.42
C ARG D 80 18.89 -18.38 -36.35
N LEU D 81 18.16 -17.87 -35.36
CA LEU D 81 17.86 -16.43 -35.26
C LEU D 81 19.08 -15.57 -34.89
N ALA D 82 19.96 -16.11 -34.05
CA ALA D 82 21.00 -15.33 -33.41
C ALA D 82 22.42 -15.81 -33.71
N GLY D 83 22.54 -16.90 -34.47
CA GLY D 83 23.85 -17.48 -34.78
C GLY D 83 24.60 -18.02 -33.57
N VAL D 84 23.87 -18.43 -32.54
CA VAL D 84 24.51 -18.96 -31.35
C VAL D 84 24.91 -20.39 -31.65
N THR D 85 26.06 -20.76 -31.11
CA THR D 85 26.70 -21.99 -31.47
C THR D 85 26.82 -22.87 -30.22
N GLN D 86 27.00 -22.23 -29.08
CA GLN D 86 27.05 -22.91 -27.79
C GLN D 86 25.62 -23.09 -27.26
N LEU D 87 25.00 -24.21 -27.64
CA LEU D 87 23.61 -24.53 -27.36
C LEU D 87 23.57 -25.86 -26.65
N ALA D 88 23.20 -25.84 -25.36
CA ALA D 88 23.28 -27.05 -24.53
C ALA D 88 21.93 -27.41 -23.91
N GLY D 89 21.66 -28.71 -23.81
CA GLY D 89 20.42 -29.19 -23.23
C GLY D 89 20.61 -30.62 -22.77
N LEU D 90 19.61 -31.18 -22.10
CA LEU D 90 19.72 -32.52 -21.48
C LEU D 90 18.55 -33.46 -21.83
N ALA D 91 17.37 -32.90 -22.02
CA ALA D 91 16.17 -33.70 -22.23
C ALA D 91 15.13 -32.97 -23.07
N ARG D 92 14.41 -33.73 -23.88
CA ARG D 92 13.39 -33.20 -24.76
C ARG D 92 12.24 -34.20 -24.72
N TYR D 93 11.03 -33.71 -24.47
CA TYR D 93 9.86 -34.58 -24.39
C TYR D 93 8.87 -34.16 -25.46
N PRO D 94 8.31 -35.13 -26.20
CA PRO D 94 7.42 -34.79 -27.31
C PRO D 94 6.09 -34.13 -26.90
N GLN D 95 5.58 -34.47 -25.71
CA GLN D 95 4.28 -33.96 -25.26
C GLN D 95 4.37 -32.54 -24.72
N PRO D 96 3.51 -31.62 -25.22
CA PRO D 96 3.52 -30.25 -24.71
C PRO D 96 2.86 -30.11 -23.33
N MET D 97 3.54 -30.62 -22.31
CA MET D 97 3.02 -30.59 -20.95
C MET D 97 4.09 -30.04 -20.01
N ALA D 98 3.73 -29.87 -18.74
CA ALA D 98 4.71 -29.70 -17.66
C ALA D 98 5.76 -30.81 -17.78
N PRO D 99 7.05 -30.47 -17.66
CA PRO D 99 8.07 -31.52 -17.71
C PRO D 99 7.70 -32.76 -16.88
N ALA D 100 7.30 -32.59 -15.62
CA ALA D 100 6.94 -33.75 -14.79
C ALA D 100 5.95 -34.68 -15.46
N ALA D 101 4.95 -34.09 -16.12
CA ALA D 101 3.89 -34.87 -16.75
C ALA D 101 4.29 -35.40 -18.12
N ALA D 102 5.09 -34.63 -18.85
CA ALA D 102 5.67 -35.12 -20.10
C ALA D 102 6.53 -36.35 -19.78
N ALA D 103 7.26 -36.31 -18.68
CA ALA D 103 8.12 -37.43 -18.31
C ALA D 103 7.27 -38.66 -18.02
N GLU D 104 6.23 -38.49 -17.21
CA GLU D 104 5.29 -39.57 -16.90
C GLU D 104 4.61 -40.17 -18.14
N HIS D 105 4.21 -39.34 -19.10
CA HIS D 105 3.61 -39.84 -20.34
C HIS D 105 4.60 -40.74 -21.08
N ALA D 106 5.85 -40.28 -21.17
CA ALA D 106 6.92 -41.01 -21.83
C ALA D 106 7.42 -42.24 -21.06
N GLY D 107 7.18 -42.28 -19.75
CA GLY D 107 7.73 -43.33 -18.89
C GLY D 107 9.23 -43.16 -18.71
N MET D 108 9.68 -41.90 -18.69
CA MET D 108 11.10 -41.57 -18.77
C MET D 108 11.41 -40.37 -17.88
N ALA D 109 11.98 -40.63 -16.70
CA ALA D 109 12.16 -39.60 -15.67
C ALA D 109 12.84 -38.31 -16.13
N LEU D 110 12.60 -37.24 -15.38
CA LEU D 110 13.30 -35.98 -15.56
C LEU D 110 14.77 -36.15 -15.19
N PRO D 111 15.64 -35.25 -15.71
CA PRO D 111 17.04 -35.22 -15.28
C PRO D 111 17.16 -34.94 -13.78
N ALA D 112 18.33 -35.23 -13.22
CA ALA D 112 18.60 -34.95 -11.81
C ALA D 112 19.07 -33.51 -11.64
N ARG D 113 18.86 -32.97 -10.45
CA ARG D 113 19.28 -31.62 -10.12
C ARG D 113 20.78 -31.43 -10.39
N ASP D 114 21.58 -32.42 -10.02
CA ASP D 114 23.03 -32.28 -10.20
C ASP D 114 23.47 -32.16 -11.66
N GLN D 115 22.81 -32.90 -12.55
CA GLN D 115 23.05 -32.74 -13.98
C GLN D 115 22.76 -31.32 -14.45
N ILE D 116 21.62 -30.76 -14.01
CA ILE D 116 21.21 -29.45 -14.52
C ILE D 116 22.18 -28.38 -14.05
N VAL D 117 22.44 -28.33 -12.75
CA VAL D 117 23.36 -27.31 -12.23
C VAL D 117 24.80 -27.50 -12.74
N ARG D 118 25.24 -28.75 -12.87
CA ARG D 118 26.61 -29.03 -13.33
C ARG D 118 26.81 -28.67 -14.80
N LEU D 119 25.80 -28.92 -15.63
CA LEU D 119 25.84 -28.52 -17.04
C LEU D 119 26.00 -27.01 -17.15
N ILE D 120 25.15 -26.29 -16.43
CA ILE D 120 25.19 -24.82 -16.46
C ILE D 120 26.51 -24.26 -15.97
N ALA D 121 27.02 -24.80 -14.86
CA ALA D 121 28.22 -24.23 -14.25
C ALA D 121 29.46 -24.50 -15.12
N ASP D 122 29.47 -25.63 -15.80
CA ASP D 122 30.53 -25.97 -16.75
C ASP D 122 30.53 -25.10 -18.00
N LEU D 123 29.38 -24.58 -18.39
CA LEU D 123 29.32 -23.67 -19.53
C LEU D 123 29.94 -22.32 -19.17
N ASP D 124 29.92 -22.00 -17.89
CA ASP D 124 30.32 -20.67 -17.44
C ASP D 124 31.81 -20.45 -17.67
N ARG D 125 32.13 -19.41 -18.45
CA ARG D 125 33.50 -19.02 -18.79
C ARG D 125 33.65 -17.52 -18.58
N PRO D 126 34.83 -17.09 -18.08
CA PRO D 126 35.09 -15.65 -18.02
C PRO D 126 34.88 -15.02 -19.39
N GLY D 127 34.17 -13.89 -19.43
CA GLY D 127 33.92 -13.20 -20.68
C GLY D 127 32.71 -13.72 -21.42
N ARG D 128 32.00 -14.65 -20.78
CA ARG D 128 30.79 -15.22 -21.37
C ARG D 128 29.52 -14.92 -20.58
N LEU D 129 28.46 -14.65 -21.33
CA LEU D 129 27.13 -14.54 -20.80
C LEU D 129 26.42 -15.87 -21.05
N THR D 130 26.04 -16.55 -19.98
CA THR D 130 25.33 -17.80 -20.10
C THR D 130 23.86 -17.63 -19.71
N LEU D 131 22.99 -17.95 -20.66
CA LEU D 131 21.55 -17.77 -20.53
C LEU D 131 20.94 -19.14 -20.36
N VAL D 132 20.10 -19.27 -19.34
CA VAL D 132 19.45 -20.54 -19.05
C VAL D 132 17.94 -20.32 -19.17
N GLU D 133 17.34 -20.95 -20.17
CA GLU D 133 15.90 -20.84 -20.42
C GLU D 133 15.15 -21.89 -19.64
N GLY D 134 14.17 -21.47 -18.84
CA GLY D 134 13.36 -22.47 -18.14
C GLY D 134 12.28 -22.96 -19.08
N ALA D 135 11.52 -23.95 -18.64
CA ALA D 135 10.33 -24.38 -19.36
C ALA D 135 9.13 -23.83 -18.58
N GLY D 136 8.29 -23.06 -19.26
CA GLY D 136 7.16 -22.39 -18.61
C GLY D 136 7.62 -21.33 -17.62
N GLY D 137 6.85 -21.17 -16.55
CA GLY D 137 7.17 -20.21 -15.48
C GLY D 137 8.16 -20.66 -14.42
N LEU D 138 8.44 -19.75 -13.49
CA LEU D 138 9.53 -19.89 -12.52
C LEU D 138 9.48 -21.14 -11.62
N LEU D 139 8.28 -21.55 -11.22
CA LEU D 139 8.11 -22.64 -10.26
C LEU D 139 7.75 -23.99 -10.87
N VAL D 140 7.80 -24.09 -12.19
CA VAL D 140 7.68 -25.38 -12.89
C VAL D 140 8.81 -26.33 -12.47
N GLU D 141 8.44 -27.57 -12.16
CA GLU D 141 9.40 -28.61 -11.80
C GLU D 141 10.23 -29.02 -13.02
N LEU D 142 11.53 -28.78 -12.94
CA LEU D 142 12.46 -29.12 -14.04
C LEU D 142 13.19 -30.40 -13.73
N ALA D 143 13.37 -30.70 -12.45
CA ALA D 143 14.17 -31.86 -12.11
C ALA D 143 13.62 -32.69 -10.98
N GLU D 144 14.15 -33.91 -10.92
CA GLU D 144 13.92 -34.80 -9.81
C GLU D 144 14.80 -34.38 -8.64
N PRO D 145 14.20 -34.22 -7.45
CA PRO D 145 12.77 -34.22 -7.16
C PRO D 145 12.22 -32.84 -6.74
N GLY D 146 11.39 -32.24 -7.59
CA GLY D 146 10.74 -30.97 -7.24
C GLY D 146 11.64 -29.74 -7.30
N VAL D 147 12.63 -29.78 -8.19
CA VAL D 147 13.53 -28.64 -8.30
C VAL D 147 13.10 -27.73 -9.45
N THR D 148 13.16 -26.42 -9.20
CA THR D 148 12.64 -25.44 -10.14
C THR D 148 13.81 -24.62 -10.67
N LEU D 149 13.54 -23.71 -11.61
CA LEU D 149 14.54 -22.79 -12.13
C LEU D 149 15.05 -21.89 -11.03
N ARG D 150 14.16 -21.58 -10.09
CA ARG D 150 14.57 -20.75 -8.96
C ARG D 150 15.65 -21.45 -8.10
N ASP D 151 15.46 -22.73 -7.81
CA ASP D 151 16.46 -23.51 -7.08
C ASP D 151 17.78 -23.53 -7.84
N VAL D 152 17.69 -23.79 -9.14
CA VAL D 152 18.87 -23.74 -10.00
C VAL D 152 19.60 -22.41 -9.93
N ALA D 153 18.86 -21.30 -10.06
CA ALA D 153 19.42 -19.96 -9.95
C ALA D 153 20.21 -19.77 -8.66
N VAL D 154 19.63 -20.18 -7.55
CA VAL D 154 20.30 -20.08 -6.26
C VAL D 154 21.62 -20.89 -6.29
N ASP D 155 21.52 -22.15 -6.72
CA ASP D 155 22.69 -23.03 -6.72
C ASP D 155 23.84 -22.62 -7.64
N VAL D 156 23.54 -21.84 -8.67
CA VAL D 156 24.63 -21.38 -9.54
C VAL D 156 24.92 -19.89 -9.38
N ALA D 157 24.30 -19.30 -8.35
CA ALA D 157 24.27 -17.85 -8.12
C ALA D 157 23.96 -17.00 -9.37
N ALA D 158 22.93 -17.39 -10.11
CA ALA D 158 22.45 -16.62 -11.25
C ALA D 158 21.43 -15.55 -10.85
N ALA D 159 21.41 -14.44 -11.58
CA ALA D 159 20.28 -13.51 -11.57
C ALA D 159 19.20 -14.03 -12.52
N ALA D 160 18.00 -13.48 -12.41
CA ALA D 160 16.90 -13.87 -13.28
C ALA D 160 16.45 -12.70 -14.12
N LEU D 161 16.21 -12.98 -15.39
CA LEU D 161 15.54 -12.02 -16.25
C LEU D 161 14.14 -12.57 -16.46
N VAL D 162 13.14 -11.73 -16.27
CA VAL D 162 11.77 -12.25 -16.47
C VAL D 162 11.05 -11.72 -17.71
N VAL D 163 10.58 -12.66 -18.52
CA VAL D 163 9.88 -12.35 -19.74
C VAL D 163 8.40 -12.23 -19.42
N VAL D 164 7.82 -11.10 -19.78
CA VAL D 164 6.42 -10.83 -19.48
C VAL D 164 5.66 -10.54 -20.77
N THR D 165 4.32 -10.57 -20.70
CA THR D 165 3.47 -10.06 -21.77
C THR D 165 3.05 -8.61 -21.50
N ALA D 166 2.37 -8.02 -22.47
CA ALA D 166 1.77 -6.69 -22.30
C ALA D 166 0.26 -6.83 -22.04
N ASP D 167 -0.20 -8.09 -21.97
CA ASP D 167 -1.62 -8.40 -21.83
C ASP D 167 -2.18 -8.12 -20.43
N LEU D 168 -3.50 -7.96 -20.38
CA LEU D 168 -4.19 -7.85 -19.10
C LEU D 168 -3.84 -9.08 -18.26
N GLY D 169 -3.47 -8.86 -17.01
CA GLY D 169 -3.13 -9.95 -16.11
C GLY D 169 -1.64 -9.98 -15.82
N THR D 170 -0.88 -9.32 -16.69
CA THR D 170 0.58 -9.33 -16.60
C THR D 170 1.10 -8.75 -15.29
N LEU D 171 0.39 -7.79 -14.73
CA LEU D 171 0.91 -7.09 -13.54
C LEU D 171 0.92 -8.02 -12.33
N ASN D 172 -0.19 -8.71 -12.11
CA ASN D 172 -0.27 -9.71 -11.05
C ASN D 172 0.81 -10.80 -11.22
N HIS D 173 0.90 -11.35 -12.42
CA HIS D 173 1.89 -12.39 -12.70
C HIS D 173 3.32 -11.93 -12.51
N THR D 174 3.60 -10.71 -12.95
CA THR D 174 4.94 -10.14 -12.79
C THR D 174 5.26 -9.95 -11.30
N LYS D 175 4.36 -9.30 -10.56
CA LYS D 175 4.55 -9.15 -9.12
C LYS D 175 4.70 -10.50 -8.39
N LEU D 176 3.86 -11.48 -8.73
CA LEU D 176 3.97 -12.80 -8.13
C LEU D 176 5.37 -13.41 -8.31
N THR D 177 5.83 -13.36 -9.56
CA THR D 177 7.16 -13.86 -9.94
C THR D 177 8.30 -13.10 -9.26
N LEU D 178 8.25 -11.77 -9.27
CA LEU D 178 9.25 -10.95 -8.58
C LEU D 178 9.30 -11.25 -7.08
N GLU D 179 8.13 -11.45 -6.49
CA GLU D 179 8.08 -11.76 -5.07
C GLU D 179 8.76 -13.10 -4.79
N ALA D 180 8.50 -14.08 -5.64
CA ALA D 180 9.07 -15.41 -5.49
C ALA D 180 10.60 -15.41 -5.64
N LEU D 181 11.11 -14.64 -6.60
CA LEU D 181 12.56 -14.47 -6.74
C LEU D 181 13.17 -13.88 -5.48
N ALA D 182 12.55 -12.83 -4.95
CA ALA D 182 13.08 -12.14 -3.77
C ALA D 182 13.02 -12.97 -2.48
N ALA D 183 12.03 -13.86 -2.38
CA ALA D 183 11.91 -14.79 -1.25
C ALA D 183 13.15 -15.66 -1.07
N GLN D 184 13.86 -15.90 -2.18
CA GLN D 184 15.05 -16.72 -2.18
C GLN D 184 16.29 -15.89 -2.52
N GLN D 185 16.13 -14.57 -2.51
CA GLN D 185 17.22 -13.61 -2.81
C GLN D 185 17.93 -13.88 -4.15
N VAL D 186 17.14 -14.24 -5.16
CA VAL D 186 17.66 -14.27 -6.53
C VAL D 186 17.46 -12.88 -7.09
N SER D 187 18.58 -12.22 -7.40
CA SER D 187 18.56 -10.86 -7.88
C SER D 187 17.76 -10.73 -9.18
N ALA D 189 17.39 -9.02 -12.54
CA ALA D 189 18.02 -8.30 -13.65
C ALA D 189 17.07 -7.47 -14.54
N GLY D 190 15.77 -7.54 -14.28
CA GLY D 190 14.83 -6.76 -15.11
C GLY D 190 13.83 -7.60 -15.87
N LEU D 191 13.06 -6.93 -16.73
CA LEU D 191 11.91 -7.49 -17.41
C LEU D 191 12.10 -7.33 -18.90
N VAL D 192 11.55 -8.26 -19.67
CA VAL D 192 11.50 -8.10 -21.12
C VAL D 192 10.11 -8.42 -21.58
N ILE D 193 9.51 -7.48 -22.31
CA ILE D 193 8.25 -7.75 -22.95
C ILE D 193 8.54 -8.57 -24.20
N GLY D 194 8.13 -9.84 -24.17
CA GLY D 194 8.49 -10.80 -25.19
C GLY D 194 7.87 -10.56 -26.56
N SER D 195 6.66 -9.98 -26.56
CA SER D 195 5.95 -9.65 -27.79
C SER D 195 5.22 -8.33 -27.64
N TRP D 196 5.65 -7.32 -28.40
CA TRP D 196 5.05 -5.98 -28.34
C TRP D 196 4.26 -5.64 -29.62
N PRO D 197 2.94 -5.40 -29.47
CA PRO D 197 2.03 -5.14 -30.59
C PRO D 197 2.26 -3.78 -31.25
N ASP D 198 1.98 -3.72 -32.55
CA ASP D 198 1.99 -2.47 -33.31
C ASP D 198 0.73 -2.39 -34.20
N PRO D 199 -0.17 -1.46 -33.89
CA PRO D 199 -0.01 -0.55 -32.77
C PRO D 199 -0.46 -1.23 -31.47
N PRO D 200 0.01 -0.73 -30.32
CA PRO D 200 -0.49 -1.36 -29.10
C PRO D 200 -1.99 -1.09 -28.95
N GLY D 201 -2.51 -1.30 -27.75
CA GLY D 201 -3.92 -1.04 -27.51
C GLY D 201 -3.93 -0.23 -26.25
N LEU D 202 -5.11 0.10 -25.75
CA LEU D 202 -5.22 0.82 -24.50
C LEU D 202 -4.53 0.03 -23.38
N VAL D 203 -4.89 -1.24 -23.26
CA VAL D 203 -4.36 -2.10 -22.20
C VAL D 203 -2.83 -2.27 -22.29
N ALA D 204 -2.34 -2.71 -23.45
CA ALA D 204 -0.89 -2.91 -23.62
C ALA D 204 -0.13 -1.62 -23.38
N ALA D 205 -0.63 -0.50 -23.89
CA ALA D 205 0.01 0.78 -23.63
C ALA D 205 0.09 1.09 -22.14
N SER D 206 -1.02 0.88 -21.44
CA SER D 206 -1.05 1.09 -19.99
C SER D 206 -0.07 0.15 -19.26
N ASN D 207 -0.06 -1.10 -19.67
CA ASN D 207 0.82 -2.09 -19.07
C ASN D 207 2.32 -1.82 -19.24
N ARG D 208 2.71 -1.36 -20.42
CA ARG D 208 4.12 -1.06 -20.62
C ARG D 208 4.58 -0.01 -19.64
N SER D 209 3.70 0.96 -19.39
CA SER D 209 3.98 2.00 -18.41
C SER D 209 3.94 1.42 -17.00
N ALA D 210 2.87 0.68 -16.68
CA ALA D 210 2.74 0.06 -15.37
C ALA D 210 3.93 -0.85 -15.04
N LEU D 211 4.33 -1.68 -16.01
CA LEU D 211 5.47 -2.57 -15.82
C LEU D 211 6.76 -1.80 -15.45
N ALA D 212 7.01 -0.70 -16.15
CA ALA D 212 8.23 0.07 -15.93
C ALA D 212 8.25 0.77 -14.56
N ARG D 213 7.08 0.88 -13.93
CA ARG D 213 6.99 1.40 -12.56
C ARG D 213 7.35 0.32 -11.55
N ILE D 214 7.12 -0.93 -11.88
CA ILE D 214 7.57 -1.99 -10.96
C ILE D 214 9.04 -2.38 -11.15
N ALA D 215 9.49 -2.55 -12.40
CA ALA D 215 10.88 -2.90 -12.66
C ALA D 215 11.41 -2.31 -13.96
N MET D 216 12.73 -2.33 -14.13
CA MET D 216 13.32 -1.87 -15.39
C MET D 216 12.90 -2.79 -16.53
N VAL D 217 12.41 -2.19 -17.61
CA VAL D 217 12.04 -2.90 -18.82
C VAL D 217 13.23 -2.85 -19.79
N ARG D 218 13.95 -3.97 -19.87
CA ARG D 218 15.19 -4.06 -20.66
C ARG D 218 14.97 -4.02 -22.17
N ALA D 219 13.85 -4.57 -22.61
CA ALA D 219 13.48 -4.51 -24.02
C ALA D 219 12.02 -4.83 -24.22
N ALA D 220 11.46 -4.32 -25.30
CA ALA D 220 10.14 -4.72 -25.73
C ALA D 220 10.31 -5.19 -27.17
N LEU D 221 10.22 -6.50 -27.37
CA LEU D 221 10.51 -7.07 -28.69
C LEU D 221 9.31 -6.98 -29.61
N PRO D 222 9.53 -6.46 -30.83
CA PRO D 222 8.47 -6.39 -31.84
C PRO D 222 7.74 -7.71 -32.01
N ALA D 223 6.42 -7.65 -32.05
CA ALA D 223 5.57 -8.83 -32.23
C ALA D 223 6.04 -9.80 -33.31
N GLY D 224 6.53 -9.25 -34.42
CA GLY D 224 6.97 -10.11 -35.53
C GLY D 224 8.33 -10.77 -35.37
N ALA D 225 9.09 -10.36 -34.36
CA ALA D 225 10.51 -10.69 -34.19
C ALA D 225 10.95 -12.10 -34.60
N ALA D 226 10.18 -13.12 -34.21
CA ALA D 226 10.54 -14.50 -34.48
C ALA D 226 10.49 -14.90 -35.96
N SER D 227 9.94 -14.02 -36.82
CA SER D 227 9.90 -14.30 -38.26
C SER D 227 10.99 -13.60 -39.07
N LEU D 228 11.77 -12.77 -38.39
CA LEU D 228 12.84 -12.02 -39.05
C LEU D 228 13.90 -12.99 -39.58
N ASP D 229 14.70 -12.58 -40.55
CA ASP D 229 15.66 -13.52 -41.14
C ASP D 229 16.85 -13.84 -40.23
N ALA D 230 18.00 -13.23 -40.50
CA ALA D 230 19.12 -13.30 -39.59
C ALA D 230 19.65 -11.90 -39.41
N GLY D 231 19.75 -11.17 -40.52
CA GLY D 231 20.23 -9.78 -40.49
C GLY D 231 19.21 -8.84 -39.88
N ASP D 232 17.93 -9.08 -40.17
CA ASP D 232 16.86 -8.25 -39.61
C ASP D 232 16.70 -8.52 -38.11
N PHE D 233 16.89 -9.77 -37.71
CA PHE D 233 16.84 -10.14 -36.29
C PHE D 233 17.98 -9.46 -35.51
N ALA D 234 19.19 -9.54 -36.03
CA ALA D 234 20.34 -8.88 -35.37
C ALA D 234 20.10 -7.38 -35.19
N ALA D 235 19.48 -6.77 -36.19
CA ALA D 235 19.22 -5.34 -36.15
C ALA D 235 18.15 -5.01 -35.10
N MET D 236 17.06 -5.75 -35.13
CA MET D 236 16.02 -5.66 -34.12
C MET D 236 16.61 -5.78 -32.71
N SER D 237 17.48 -6.77 -32.51
CA SER D 237 18.04 -7.07 -31.19
C SER D 237 18.94 -5.98 -30.64
N ALA D 238 19.74 -5.39 -31.53
CA ALA D 238 20.65 -4.30 -31.15
C ALA D 238 19.89 -3.05 -30.74
N ALA D 239 18.79 -2.78 -31.45
CA ALA D 239 17.89 -1.67 -31.16
C ALA D 239 17.07 -1.96 -29.91
N ALA D 240 16.67 -3.21 -29.74
CA ALA D 240 15.83 -3.62 -28.60
C ALA D 240 16.46 -3.38 -27.24
N PHE D 241 17.72 -3.79 -27.08
CA PHE D 241 18.39 -3.69 -25.79
C PHE D 241 19.33 -2.52 -25.77
N ASP D 242 19.59 -2.02 -24.57
CA ASP D 242 20.63 -1.03 -24.34
C ASP D 242 21.98 -1.74 -24.28
N ARG D 243 22.80 -1.54 -25.32
CA ARG D 243 24.08 -2.24 -25.44
C ARG D 243 25.01 -2.04 -24.23
N ASN D 244 24.87 -0.90 -23.56
CA ASN D 244 25.68 -0.63 -22.41
C ASN D 244 25.27 -1.53 -21.25
N TRP D 245 23.96 -1.73 -21.10
CA TRP D 245 23.46 -2.64 -20.10
C TRP D 245 23.89 -4.09 -20.40
N VAL D 246 23.71 -4.53 -21.64
CA VAL D 246 24.13 -5.89 -21.98
C VAL D 246 25.64 -6.11 -21.92
N ALA D 247 26.41 -5.02 -21.92
CA ALA D 247 27.87 -5.09 -21.86
C ALA D 247 28.36 -5.13 -20.42
N GLY D 248 27.62 -4.49 -19.52
CA GLY D 248 27.95 -4.55 -18.09
C GLY D 248 27.56 -5.89 -17.48
N LEU D 249 26.94 -6.75 -18.27
CA LEU D 249 26.54 -8.07 -17.79
C LEU D 249 27.75 -8.98 -17.48
N VAL D 250 28.86 -8.79 -18.19
CA VAL D 250 30.06 -9.57 -17.91
C VAL D 250 31.21 -8.70 -17.43
#